data_8VBU
#
_entry.id   8VBU
#
_cell.length_a   179.949
_cell.length_b   72.230
_cell.length_c   87.350
_cell.angle_alpha   90.00
_cell.angle_beta   103.34
_cell.angle_gamma   90.00
#
_symmetry.space_group_name_H-M   'C 1 2 1'
#
loop_
_entity.id
_entity.type
_entity.pdbx_description
1 polymer 'Penicillin-binding protein 1'
2 non-polymer '(2R,4S)-5,5-dimethyl-2-[(1R)-1-{[(5-methyl-3-phenyl-1,2-oxazol-4-yl)carbonyl]amino}-2-oxoethyl]-1,3-thiazolidine-4-carb oxylic acid'
3 water water
#
_entity_poly.entity_id   1
_entity_poly.type   'polypeptide(L)'
_entity_poly.pdbx_seq_one_letter_code
;MGSSHHHHHHHHHHSSGLVPRGSHMTGHSNGQDLVMKANEKYLVKNAQQPERGKIYDRNGKVLAEDVERYKLVAVIDKKA
SANSKKPRHVVDKKETAKKLSTVIDMKPEEIEKRLSQKKAFQIEFGRKGTNLTYQDKLKIEKMNLPGISLLPETERFYPN
GNFASHLIGRAQKNPDTGELKGALGVEKIFDSYLSGSKGSLRYIHDIWGYIAPNTKKEKQPKRGDDVHLTIDSNIQVFVE
EALDGMVERYQPKDLFAVVMDAKTGEILAYSQRPTFNPETGKDFGKKWANDLYQNTYEPGSTFKSYGLAAAIQEGAFDPD
KKYKSGHRDIMGSRISDWNRVGWGEIPMSLGFTYSSNTLMMHLQDLVGADKMKSWYERFGFGKSTKGMFDGEAPGQIGWS
NELQQKTSSFGQSTTVTPVQMLQAQSAFFNDGNMLKPWFVNSVENPVSKRQFYKGQKQIAGKPITKDTAEKVEKQLDLVV
NSKKSHAANYRIDGYEVEGKTGTAQVAAPNGGGYVKGPNPYFVSFMGDAPKKNPKVIVYAGMSLAQKNDQEAYELGVSKA
FKPIMENTLKYLNVGKSKDDTSNAEYSKVPDVEGQ
;
_entity_poly.pdbx_strand_id   A,B
#
loop_
_chem_comp.id
_chem_comp.type
_chem_comp.name
_chem_comp.formula
1S6 non-polymer '(2R,4S)-5,5-dimethyl-2-[(1R)-1-{[(5-methyl-3-phenyl-1,2-oxazol-4-yl)carbonyl]amino}-2-oxoethyl]-1,3-thiazolidine-4-carb oxylic acid' 'C19 H21 N3 O5 S'
#
# COMPACT_ATOMS: atom_id res chain seq x y z
N GLN A 48 -21.16 7.04 10.00
CA GLN A 48 -21.39 6.25 8.80
C GLN A 48 -20.60 4.94 8.79
N GLN A 49 -19.27 4.99 9.06
CA GLN A 49 -18.47 3.78 8.91
C GLN A 49 -18.68 2.84 10.11
N PRO A 50 -18.83 1.54 9.85
CA PRO A 50 -18.79 0.58 10.96
C PRO A 50 -17.44 0.56 11.62
N GLU A 51 -17.45 0.27 12.92
CA GLU A 51 -16.21 0.14 13.68
C GLU A 51 -15.37 -1.00 13.11
N ARG A 52 -14.12 -0.69 12.75
CA ARG A 52 -13.21 -1.71 12.27
C ARG A 52 -12.80 -2.60 13.45
N GLY A 53 -12.79 -3.92 13.21
CA GLY A 53 -12.40 -4.86 14.26
C GLY A 53 -11.01 -4.61 14.80
N LYS A 54 -10.72 -5.20 15.97
CA LYS A 54 -9.46 -5.02 16.65
C LYS A 54 -8.50 -6.16 16.31
N ILE A 55 -7.20 -5.90 16.49
CA ILE A 55 -6.16 -6.92 16.43
C ILE A 55 -5.63 -7.12 17.85
N TYR A 56 -5.61 -8.37 18.31
CA TYR A 56 -5.21 -8.68 19.68
C TYR A 56 -3.94 -9.54 19.69
N ASP A 57 -3.18 -9.48 20.79
CA ASP A 57 -2.13 -10.46 21.00
C ASP A 57 -2.76 -11.68 21.68
N ARG A 58 -1.94 -12.71 21.95
CA ARG A 58 -2.46 -13.99 22.42
C ARG A 58 -3.04 -13.92 23.84
N ASN A 59 -2.76 -12.87 24.60
CA ASN A 59 -3.30 -12.68 25.94
C ASN A 59 -4.38 -11.62 25.99
N GLY A 60 -4.88 -11.16 24.85
CA GLY A 60 -5.93 -10.16 24.84
C GLY A 60 -5.50 -8.70 24.90
N LYS A 61 -4.22 -8.38 24.80
CA LYS A 61 -3.82 -6.98 24.72
C LYS A 61 -4.15 -6.42 23.34
N VAL A 62 -4.64 -5.18 23.30
CA VAL A 62 -5.01 -4.54 22.03
C VAL A 62 -3.75 -4.13 21.28
N LEU A 63 -3.65 -4.57 20.02
CA LEU A 63 -2.59 -4.12 19.14
C LEU A 63 -3.08 -3.07 18.14
N ALA A 64 -4.35 -3.11 17.74
CA ALA A 64 -4.92 -2.11 16.85
C ALA A 64 -6.40 -1.97 17.15
N GLU A 65 -6.88 -0.73 17.13
CA GLU A 65 -8.28 -0.47 17.43
C GLU A 65 -8.64 0.91 16.90
N ASP A 66 -9.94 1.15 16.72
CA ASP A 66 -10.44 2.47 16.33
C ASP A 66 -10.56 3.37 17.56
N VAL A 67 -10.21 4.65 17.41
CA VAL A 67 -10.39 5.65 18.47
C VAL A 67 -10.91 6.95 17.87
N GLU A 68 -11.47 7.80 18.73
CA GLU A 68 -11.87 9.13 18.29
C GLU A 68 -10.73 10.13 18.52
N ARG A 69 -10.37 10.85 17.46
CA ARG A 69 -9.42 11.97 17.56
C ARG A 69 -10.10 13.23 17.01
N TYR A 70 -9.34 14.32 16.88
CA TYR A 70 -9.98 15.59 16.58
C TYR A 70 -9.21 16.38 15.53
N LYS A 71 -9.97 17.10 14.71
CA LYS A 71 -9.45 17.93 13.63
C LYS A 71 -9.79 19.39 13.91
N LEU A 72 -8.83 20.27 13.70
CA LEU A 72 -9.00 21.69 13.97
C LEU A 72 -9.60 22.39 12.76
N VAL A 73 -10.65 23.19 13.00
CA VAL A 73 -11.31 23.98 11.98
C VAL A 73 -11.37 25.43 12.46
N ALA A 74 -11.06 26.36 11.55
CA ALA A 74 -11.12 27.79 11.86
C ALA A 74 -12.08 28.47 10.89
N VAL A 75 -13.18 29.00 11.40
CA VAL A 75 -14.09 29.82 10.60
C VAL A 75 -13.53 31.24 10.55
N ILE A 76 -13.35 31.77 9.34
CA ILE A 76 -12.77 33.08 9.14
C ILE A 76 -13.72 34.07 8.49
N ASP A 77 -14.91 33.64 8.07
CA ASP A 77 -15.86 34.53 7.41
C ASP A 77 -16.72 35.28 8.44
N LYS A 78 -16.75 36.61 8.29
CA LYS A 78 -17.59 37.45 9.13
C LYS A 78 -19.04 36.98 9.17
N LYS A 79 -19.54 36.47 8.04
CA LYS A 79 -20.95 36.06 7.94
C LYS A 79 -21.38 35.15 9.08
N ALA A 80 -20.46 34.33 9.62
CA ALA A 80 -20.82 33.47 10.73
C ALA A 80 -21.22 34.25 11.98
N SER A 81 -20.83 35.53 12.09
CA SER A 81 -21.08 36.33 13.27
C SER A 81 -22.15 37.40 13.06
N ALA A 82 -22.94 37.29 11.99
CA ALA A 82 -23.96 38.30 11.72
C ALA A 82 -24.98 38.38 12.86
N ASN A 83 -25.45 37.22 13.33
CA ASN A 83 -26.54 37.16 14.29
C ASN A 83 -26.09 37.14 15.76
N SER A 84 -24.78 37.16 16.02
CA SER A 84 -24.23 36.89 17.35
C SER A 84 -23.64 38.16 17.95
N LYS A 85 -23.61 38.21 19.28
CA LYS A 85 -22.90 39.28 19.97
C LYS A 85 -21.42 38.97 20.09
N LYS A 86 -21.09 37.77 20.58
CA LYS A 86 -19.69 37.34 20.58
C LYS A 86 -19.33 36.78 19.21
N PRO A 87 -18.15 37.10 18.68
CA PRO A 87 -17.80 36.64 17.32
C PRO A 87 -17.67 35.12 17.24
N ARG A 88 -18.14 34.58 16.11
CA ARG A 88 -18.02 33.16 15.78
C ARG A 88 -17.01 32.95 14.65
N HIS A 89 -16.12 33.92 14.44
CA HIS A 89 -15.08 33.80 13.44
C HIS A 89 -13.80 34.43 14.00
N VAL A 90 -12.68 34.09 13.37
CA VAL A 90 -11.38 34.57 13.81
C VAL A 90 -11.30 36.07 13.57
N VAL A 91 -11.24 36.85 14.65
CA VAL A 91 -11.11 38.31 14.52
C VAL A 91 -9.64 38.78 14.54
N ASP A 92 -8.77 38.12 15.31
CA ASP A 92 -7.35 38.46 15.33
C ASP A 92 -6.57 37.26 14.83
N LYS A 93 -6.16 37.30 13.56
CA LYS A 93 -5.50 36.16 12.95
C LYS A 93 -4.09 35.95 13.49
N LYS A 94 -3.41 37.05 13.85
CA LYS A 94 -2.03 36.90 14.33
C LYS A 94 -1.98 36.28 15.72
N GLU A 95 -2.84 36.76 16.63
CA GLU A 95 -2.88 36.21 17.99
C GLU A 95 -3.34 34.77 17.98
N THR A 96 -4.36 34.48 17.16
CA THR A 96 -4.85 33.11 17.00
C THR A 96 -3.72 32.20 16.52
N ALA A 97 -2.97 32.65 15.51
CA ALA A 97 -1.86 31.83 15.02
C ALA A 97 -0.83 31.57 16.11
N LYS A 98 -0.52 32.60 16.91
CA LYS A 98 0.47 32.43 17.96
C LYS A 98 -0.01 31.40 18.99
N LYS A 99 -1.28 31.48 19.40
CA LYS A 99 -1.79 30.52 20.38
C LYS A 99 -1.93 29.11 19.80
N LEU A 100 -2.30 29.00 18.52
CA LEU A 100 -2.44 27.66 17.94
C LEU A 100 -1.09 26.98 17.77
N SER A 101 -0.01 27.74 17.55
CA SER A 101 1.32 27.15 17.37
C SER A 101 1.84 26.48 18.65
N THR A 102 1.22 26.75 19.79
CA THR A 102 1.58 26.12 21.05
C THR A 102 0.91 24.76 21.25
N VAL A 103 0.24 24.25 20.22
CA VAL A 103 -0.46 22.96 20.29
C VAL A 103 -0.21 22.16 19.02
N ILE A 104 -0.57 22.72 17.87
CA ILE A 104 -0.26 22.06 16.60
C ILE A 104 1.18 22.38 16.21
N ASP A 105 1.81 21.48 15.45
CA ASP A 105 3.24 21.62 15.15
C ASP A 105 3.42 22.46 13.89
N MET A 106 3.16 23.75 14.03
CA MET A 106 3.21 24.67 12.90
C MET A 106 3.61 26.03 13.41
N LYS A 107 4.47 26.71 12.65
CA LYS A 107 4.93 28.04 13.05
C LYS A 107 3.79 29.04 12.93
N PRO A 108 3.72 30.04 13.81
CA PRO A 108 2.66 31.04 13.68
C PRO A 108 2.61 31.68 12.30
N GLU A 109 3.75 31.82 11.61
CA GLU A 109 3.75 32.46 10.30
C GLU A 109 2.98 31.64 9.27
N GLU A 110 3.11 30.32 9.30
N GLU A 110 3.12 30.31 9.31
CA GLU A 110 2.34 29.51 8.36
CA GLU A 110 2.36 29.47 8.39
C GLU A 110 0.87 29.39 8.77
C GLU A 110 0.88 29.40 8.77
N ILE A 111 0.58 29.43 10.07
CA ILE A 111 -0.82 29.46 10.50
C ILE A 111 -1.49 30.76 10.05
N GLU A 112 -0.83 31.90 10.29
CA GLU A 112 -1.41 33.18 9.88
C GLU A 112 -1.56 33.26 8.36
N LYS A 113 -0.63 32.65 7.61
CA LYS A 113 -0.80 32.58 6.16
C LYS A 113 -2.03 31.76 5.78
N ARG A 114 -2.24 30.63 6.47
CA ARG A 114 -3.41 29.82 6.15
C ARG A 114 -4.69 30.53 6.55
N LEU A 115 -4.65 31.31 7.63
CA LEU A 115 -5.82 32.07 8.05
C LEU A 115 -6.13 33.24 7.12
N SER A 116 -5.22 33.64 6.25
CA SER A 116 -5.42 34.81 5.40
C SER A 116 -5.88 34.45 3.98
N GLN A 117 -6.18 33.17 3.72
CA GLN A 117 -6.72 32.75 2.43
C GLN A 117 -8.00 33.52 2.09
N LYS A 118 -8.11 34.00 0.85
CA LYS A 118 -9.28 34.76 0.43
C LYS A 118 -10.38 33.84 -0.11
N LYS A 119 -11.62 34.35 -0.04
CA LYS A 119 -12.79 33.68 -0.60
C LYS A 119 -13.02 32.31 0.05
N ALA A 120 -12.77 32.23 1.37
CA ALA A 120 -12.90 30.99 2.13
C ALA A 120 -13.77 31.20 3.37
N PHE A 121 -14.67 30.24 3.63
CA PHE A 121 -15.51 30.32 4.84
C PHE A 121 -14.75 29.83 6.06
N GLN A 122 -14.15 28.65 5.97
CA GLN A 122 -13.39 28.08 7.07
C GLN A 122 -12.15 27.40 6.51
N ILE A 123 -11.16 27.21 7.37
CA ILE A 123 -9.90 26.64 6.93
C ILE A 123 -9.51 25.51 7.87
N GLU A 124 -8.66 24.63 7.35
CA GLU A 124 -8.07 23.55 8.10
C GLU A 124 -6.56 23.67 7.91
N PHE A 125 -5.80 22.80 8.58
CA PHE A 125 -4.36 23.04 8.68
C PHE A 125 -3.55 21.85 8.20
N GLY A 126 -4.09 21.07 7.27
CA GLY A 126 -3.40 19.89 6.77
C GLY A 126 -3.20 18.85 7.86
N ARG A 127 -2.08 18.12 7.77
CA ARG A 127 -1.85 16.99 8.67
C ARG A 127 -1.56 17.45 10.10
N LYS A 128 -0.97 18.63 10.27
CA LYS A 128 -0.70 19.14 11.61
C LYS A 128 -1.97 19.44 12.39
N GLY A 129 -3.07 19.76 11.70
CA GLY A 129 -4.33 20.08 12.33
C GLY A 129 -5.28 18.91 12.53
N THR A 130 -4.87 17.70 12.18
CA THR A 130 -5.72 16.54 12.34
C THR A 130 -5.06 15.56 13.29
N ASN A 131 -5.80 14.50 13.61
CA ASN A 131 -5.32 13.43 14.51
C ASN A 131 -4.87 14.02 15.85
N LEU A 132 -5.57 15.04 16.32
CA LEU A 132 -5.24 15.64 17.61
C LEU A 132 -5.89 14.87 18.74
N THR A 133 -5.21 14.81 19.87
CA THR A 133 -5.68 14.08 21.04
C THR A 133 -6.75 14.87 21.78
N TYR A 134 -7.47 14.16 22.64
CA TYR A 134 -8.46 14.81 23.50
C TYR A 134 -7.83 15.88 24.39
N GLN A 135 -6.60 15.66 24.85
CA GLN A 135 -5.94 16.68 25.65
C GLN A 135 -5.57 17.89 24.80
N ASP A 136 -5.09 17.66 23.56
CA ASP A 136 -4.90 18.79 22.64
C ASP A 136 -6.20 19.57 22.49
N LYS A 137 -7.31 18.86 22.34
CA LYS A 137 -8.62 19.50 22.21
C LYS A 137 -8.95 20.35 23.42
N LEU A 138 -8.69 19.82 24.62
CA LEU A 138 -8.94 20.58 25.84
C LEU A 138 -8.13 21.87 25.89
N LYS A 139 -6.82 21.80 25.60
CA LYS A 139 -6.02 23.01 25.69
C LYS A 139 -6.39 24.00 24.59
N ILE A 140 -6.78 23.51 23.40
CA ILE A 140 -7.28 24.45 22.39
C ILE A 140 -8.56 25.13 22.88
N GLU A 141 -9.47 24.35 23.47
CA GLU A 141 -10.75 24.93 23.83
C GLU A 141 -10.63 25.90 25.00
N LYS A 142 -9.68 25.66 25.92
CA LYS A 142 -9.50 26.61 27.03
C LYS A 142 -9.02 27.99 26.55
N MET A 143 -8.44 28.08 25.36
CA MET A 143 -8.05 29.39 24.85
C MET A 143 -9.26 30.23 24.47
N ASN A 144 -10.42 29.61 24.25
CA ASN A 144 -11.65 30.31 23.88
C ASN A 144 -11.42 31.21 22.67
N LEU A 145 -10.85 30.64 21.62
CA LEU A 145 -10.53 31.43 20.45
C LEU A 145 -11.74 31.48 19.54
N PRO A 146 -12.25 32.67 19.20
CA PRO A 146 -13.44 32.73 18.33
C PRO A 146 -13.17 32.10 16.97
N GLY A 147 -14.16 31.37 16.47
CA GLY A 147 -14.07 30.70 15.20
C GLY A 147 -13.40 29.34 15.24
N ILE A 148 -12.81 28.96 16.37
CA ILE A 148 -12.02 27.74 16.48
C ILE A 148 -12.89 26.64 17.07
N SER A 149 -12.95 25.50 16.38
CA SER A 149 -13.63 24.34 16.92
C SER A 149 -12.84 23.09 16.55
N LEU A 150 -13.24 21.96 17.15
CA LEU A 150 -12.61 20.66 16.86
C LEU A 150 -13.67 19.66 16.45
N LEU A 151 -13.46 19.00 15.29
CA LEU A 151 -14.39 17.99 14.80
C LEU A 151 -13.96 16.60 15.21
N PRO A 152 -14.85 15.80 15.76
CA PRO A 152 -14.51 14.39 16.02
C PRO A 152 -14.28 13.64 14.72
N GLU A 153 -13.24 12.81 14.71
CA GLU A 153 -12.94 11.94 13.58
C GLU A 153 -12.44 10.61 14.10
N THR A 154 -12.67 9.54 13.33
CA THR A 154 -12.22 8.21 13.72
C THR A 154 -10.84 7.94 13.16
N GLU A 155 -9.93 7.49 14.01
CA GLU A 155 -8.59 7.13 13.59
C GLU A 155 -8.28 5.72 14.07
N ARG A 156 -7.41 5.04 13.35
CA ARG A 156 -6.89 3.76 13.77
C ARG A 156 -5.72 4.00 14.74
N PHE A 157 -5.77 3.36 15.91
CA PHE A 157 -4.82 3.58 16.99
C PHE A 157 -4.00 2.31 17.23
N TYR A 158 -2.67 2.45 17.26
CA TYR A 158 -1.84 1.30 17.58
C TYR A 158 -1.19 1.62 18.92
N PRO A 159 -1.74 1.10 20.03
CA PRO A 159 -1.28 1.54 21.37
C PRO A 159 0.21 1.35 21.63
N ASN A 160 0.86 0.37 21.01
CA ASN A 160 2.29 0.15 21.26
C ASN A 160 3.20 0.92 20.29
N GLY A 161 2.65 1.74 19.42
CA GLY A 161 3.46 2.46 18.42
C GLY A 161 4.19 1.47 17.52
N ASN A 162 5.51 1.59 17.47
CA ASN A 162 6.38 0.75 16.65
C ASN A 162 6.59 -0.58 17.37
N PHE A 163 5.84 -1.60 16.95
CA PHE A 163 5.73 -2.82 17.73
C PHE A 163 5.16 -3.86 16.79
N ALA A 164 5.98 -4.85 16.42
CA ALA A 164 5.61 -5.90 15.47
C ALA A 164 4.97 -5.28 14.22
N SER A 165 5.55 -4.17 13.76
CA SER A 165 4.88 -3.33 12.77
C SER A 165 4.69 -4.05 11.45
N HIS A 166 5.73 -4.75 10.97
CA HIS A 166 5.62 -5.45 9.69
C HIS A 166 4.75 -6.70 9.78
N LEU A 167 4.35 -7.11 10.97
CA LEU A 167 3.34 -8.14 11.08
C LEU A 167 1.94 -7.53 11.17
N ILE A 168 1.74 -6.57 12.09
CA ILE A 168 0.42 -5.98 12.27
C ILE A 168 0.02 -5.19 11.02
N GLY A 169 0.96 -4.47 10.43
CA GLY A 169 0.65 -3.63 9.29
C GLY A 169 0.04 -2.31 9.71
N ARG A 170 -0.61 -1.66 8.75
CA ARG A 170 -1.17 -0.33 8.91
C ARG A 170 -2.43 -0.25 8.07
N ALA A 171 -3.48 0.33 8.64
CA ALA A 171 -4.72 0.65 7.94
C ALA A 171 -4.73 2.14 7.61
N GLN A 172 -5.09 2.47 6.36
CA GLN A 172 -5.11 3.85 5.90
C GLN A 172 -6.54 4.39 5.78
N LYS A 173 -6.69 5.69 6.00
CA LYS A 173 -8.00 6.31 6.04
C LYS A 173 -8.28 7.08 4.75
N ASN A 174 -9.47 6.86 4.20
CA ASN A 174 -10.00 7.68 3.11
C ASN A 174 -10.68 8.90 3.74
N PRO A 175 -10.13 10.11 3.56
CA PRO A 175 -10.69 11.29 4.23
C PRO A 175 -12.13 11.59 3.88
N ASP A 176 -12.54 11.30 2.64
CA ASP A 176 -13.90 11.59 2.21
C ASP A 176 -14.92 10.89 3.10
N THR A 177 -14.71 9.60 3.34
CA THR A 177 -15.71 8.76 4.01
C THR A 177 -15.33 8.38 5.42
N GLY A 178 -14.05 8.49 5.78
CA GLY A 178 -13.55 7.84 6.97
C GLY A 178 -13.26 6.35 6.79
N GLU A 179 -13.48 5.79 5.61
CA GLU A 179 -13.26 4.35 5.43
C GLU A 179 -11.78 3.99 5.56
N LEU A 180 -11.49 3.01 6.41
CA LEU A 180 -10.15 2.51 6.66
C LEU A 180 -9.89 1.30 5.80
N LYS A 181 -8.66 1.20 5.29
CA LYS A 181 -8.29 0.03 4.49
C LYS A 181 -6.86 -0.36 4.81
N GLY A 182 -6.66 -1.63 5.16
CA GLY A 182 -5.33 -2.12 5.46
C GLY A 182 -4.42 -2.11 4.24
N ALA A 183 -3.19 -1.63 4.44
CA ALA A 183 -2.19 -1.50 3.39
C ALA A 183 -1.05 -2.50 3.51
N LEU A 184 -0.91 -3.20 4.63
CA LEU A 184 0.20 -4.14 4.82
C LEU A 184 -0.13 -5.04 5.99
N GLY A 185 0.36 -6.27 5.94
CA GLY A 185 0.30 -7.24 7.04
C GLY A 185 -1.12 -7.62 7.39
N VAL A 186 -1.35 -7.87 8.68
CA VAL A 186 -2.66 -8.35 9.16
C VAL A 186 -3.79 -7.39 8.80
N GLU A 187 -3.55 -6.09 8.88
CA GLU A 187 -4.60 -5.13 8.52
C GLU A 187 -5.04 -5.34 7.07
N LYS A 188 -4.11 -5.72 6.19
CA LYS A 188 -4.46 -5.95 4.79
C LYS A 188 -4.96 -7.38 4.56
N ILE A 189 -4.23 -8.37 5.08
CA ILE A 189 -4.63 -9.77 4.88
C ILE A 189 -6.06 -9.98 5.33
N PHE A 190 -6.40 -9.47 6.51
CA PHE A 190 -7.72 -9.70 7.09
C PHE A 190 -8.65 -8.51 6.90
N ASP A 191 -8.40 -7.69 5.87
CA ASP A 191 -9.16 -6.45 5.74
C ASP A 191 -10.66 -6.70 5.61
N SER A 192 -11.06 -7.75 4.88
N SER A 192 -11.05 -7.74 4.87
CA SER A 192 -12.49 -7.98 4.69
CA SER A 192 -12.47 -7.99 4.69
C SER A 192 -13.18 -8.49 5.93
C SER A 192 -13.15 -8.38 6.00
N TYR A 193 -12.45 -9.09 6.88
CA TYR A 193 -13.04 -9.44 8.16
C TYR A 193 -13.02 -8.25 9.10
N LEU A 194 -11.90 -7.53 9.17
CA LEU A 194 -11.77 -6.40 10.07
C LEU A 194 -12.78 -5.31 9.76
N SER A 195 -13.04 -5.05 8.47
CA SER A 195 -13.98 -3.98 8.15
C SER A 195 -15.42 -4.46 8.31
N GLY A 196 -16.29 -3.55 8.76
CA GLY A 196 -17.68 -3.91 8.97
C GLY A 196 -18.57 -3.85 7.72
N LYS A 222 -22.96 -2.46 11.58
CA LYS A 222 -22.44 -3.56 12.39
C LYS A 222 -21.04 -3.25 12.92
N ARG A 223 -20.24 -4.31 13.11
CA ARG A 223 -18.89 -4.16 13.59
C ARG A 223 -18.04 -5.24 12.94
N GLY A 224 -16.83 -4.87 12.54
CA GLY A 224 -15.94 -5.86 11.95
C GLY A 224 -15.53 -6.91 12.96
N ASP A 225 -14.92 -7.97 12.45
CA ASP A 225 -14.46 -9.04 13.31
C ASP A 225 -13.08 -8.74 13.86
N ASP A 226 -12.76 -9.35 14.99
CA ASP A 226 -11.45 -9.21 15.59
C ASP A 226 -10.52 -10.31 15.09
N VAL A 227 -9.24 -9.97 14.99
CA VAL A 227 -8.20 -10.94 14.68
C VAL A 227 -7.30 -11.05 15.91
N HIS A 228 -7.15 -12.26 16.43
CA HIS A 228 -6.28 -12.55 17.56
C HIS A 228 -5.03 -13.24 17.06
N LEU A 229 -3.87 -12.69 17.41
CA LEU A 229 -2.58 -13.20 16.99
C LEU A 229 -2.00 -14.10 18.07
N THR A 230 -1.02 -14.94 17.69
CA THR A 230 -0.28 -15.75 18.66
C THR A 230 0.82 -14.96 19.38
N ILE A 231 1.09 -13.73 18.92
CA ILE A 231 2.14 -12.90 19.49
C ILE A 231 1.93 -12.68 20.99
N ASP A 232 3.01 -12.77 21.76
CA ASP A 232 2.98 -12.42 23.17
C ASP A 232 3.68 -11.07 23.34
N SER A 233 2.91 -10.03 23.68
CA SER A 233 3.47 -8.69 23.83
C SER A 233 4.67 -8.66 24.79
N ASN A 234 4.69 -9.51 25.82
CA ASN A 234 5.82 -9.50 26.75
C ASN A 234 7.09 -9.97 26.07
N ILE A 235 6.99 -11.04 25.28
CA ILE A 235 8.15 -11.51 24.53
C ILE A 235 8.50 -10.54 23.42
N GLN A 236 7.49 -9.89 22.83
CA GLN A 236 7.73 -8.95 21.73
C GLN A 236 8.58 -7.77 22.20
N VAL A 237 8.33 -7.28 23.43
CA VAL A 237 9.16 -6.22 23.98
C VAL A 237 10.62 -6.63 24.02
N PHE A 238 10.90 -7.86 24.43
CA PHE A 238 12.30 -8.31 24.47
C PHE A 238 12.92 -8.21 23.08
N VAL A 239 12.16 -8.60 22.06
CA VAL A 239 12.65 -8.61 20.69
C VAL A 239 12.85 -7.19 20.17
N GLU A 240 11.88 -6.30 20.43
CA GLU A 240 12.01 -4.91 19.99
C GLU A 240 13.21 -4.23 20.63
N GLU A 241 13.46 -4.49 21.93
CA GLU A 241 14.61 -3.90 22.60
C GLU A 241 15.93 -4.45 22.06
N ALA A 242 16.02 -5.77 21.88
CA ALA A 242 17.26 -6.34 21.35
C ALA A 242 17.56 -5.81 19.95
N LEU A 243 16.52 -5.61 19.13
CA LEU A 243 16.77 -5.18 17.75
C LEU A 243 17.19 -3.72 17.71
N ASP A 244 16.63 -2.88 18.58
CA ASP A 244 17.14 -1.52 18.76
C ASP A 244 18.62 -1.50 19.08
N GLY A 245 19.06 -2.38 19.99
CA GLY A 245 20.47 -2.44 20.33
C GLY A 245 21.34 -2.82 19.14
N MET A 246 20.85 -3.74 18.30
CA MET A 246 21.60 -4.11 17.10
C MET A 246 21.68 -2.95 16.11
N VAL A 247 20.61 -2.15 16.00
CA VAL A 247 20.66 -1.00 15.09
C VAL A 247 21.72 0.00 15.56
N GLU A 248 21.69 0.32 16.87
CA GLU A 248 22.68 1.27 17.40
C GLU A 248 24.08 0.74 17.16
N ARG A 249 24.29 -0.55 17.40
CA ARG A 249 25.63 -1.11 17.40
C ARG A 249 26.15 -1.33 15.99
N TYR A 250 25.30 -1.78 15.07
CA TYR A 250 25.77 -2.27 13.78
C TYR A 250 25.15 -1.61 12.57
N GLN A 251 24.11 -0.81 12.72
CA GLN A 251 23.41 -0.11 11.64
C GLN A 251 23.25 -1.02 10.40
N PRO A 252 22.62 -2.18 10.55
CA PRO A 252 22.53 -3.10 9.42
C PRO A 252 21.53 -2.65 8.36
N LYS A 253 21.76 -3.11 7.14
CA LYS A 253 20.78 -2.80 6.10
C LYS A 253 19.50 -3.62 6.30
N ASP A 254 19.61 -4.82 6.87
CA ASP A 254 18.43 -5.62 7.21
C ASP A 254 18.72 -6.38 8.49
N LEU A 255 17.66 -6.67 9.22
CA LEU A 255 17.76 -7.28 10.55
C LEU A 255 16.41 -7.91 10.89
N PHE A 256 16.40 -9.17 11.35
CA PHE A 256 15.16 -9.75 11.87
C PHE A 256 15.45 -10.67 13.06
N ALA A 257 14.43 -10.88 13.89
CA ALA A 257 14.46 -11.89 14.94
C ALA A 257 13.06 -12.45 15.08
N VAL A 258 12.95 -13.75 15.31
CA VAL A 258 11.65 -14.39 15.47
C VAL A 258 11.75 -15.44 16.58
N VAL A 259 10.69 -15.52 17.39
CA VAL A 259 10.61 -16.49 18.48
C VAL A 259 9.42 -17.38 18.23
N MET A 260 9.64 -18.68 18.15
CA MET A 260 8.56 -19.61 17.89
C MET A 260 8.48 -20.64 19.02
N ASP A 261 7.25 -20.99 19.40
CA ASP A 261 7.03 -22.09 20.33
C ASP A 261 7.51 -23.36 19.67
N ALA A 262 8.52 -24.01 20.27
CA ALA A 262 9.17 -25.15 19.63
C ALA A 262 8.27 -26.36 19.52
N LYS A 263 7.21 -26.42 20.30
CA LYS A 263 6.35 -27.59 20.30
C LYS A 263 5.01 -27.37 19.60
N THR A 264 4.66 -26.14 19.22
CA THR A 264 3.41 -25.87 18.54
C THR A 264 3.54 -25.09 17.23
N GLY A 265 4.65 -24.37 17.00
CA GLY A 265 4.81 -23.56 15.81
C GLY A 265 4.27 -22.15 15.91
N GLU A 266 3.66 -21.78 17.03
CA GLU A 266 3.14 -20.43 17.22
C GLU A 266 4.25 -19.41 17.18
N ILE A 267 4.05 -18.35 16.42
CA ILE A 267 5.00 -17.24 16.43
C ILE A 267 4.72 -16.42 17.68
N LEU A 268 5.65 -16.43 18.63
CA LEU A 268 5.46 -15.69 19.87
C LEU A 268 5.92 -14.24 19.77
N ALA A 269 6.85 -13.94 18.89
CA ALA A 269 7.35 -12.59 18.69
C ALA A 269 8.03 -12.54 17.34
N TYR A 270 7.94 -11.38 16.70
CA TYR A 270 8.59 -11.16 15.40
C TYR A 270 8.84 -9.68 15.20
N SER A 271 10.06 -9.32 14.78
CA SER A 271 10.30 -7.94 14.40
C SER A 271 11.40 -7.89 13.35
N GLN A 272 11.48 -6.74 12.68
CA GLN A 272 12.55 -6.50 11.72
C GLN A 272 12.95 -5.04 11.77
N ARG A 273 14.13 -4.77 11.23
CA ARG A 273 14.62 -3.41 11.05
C ARG A 273 15.28 -3.29 9.68
N PRO A 274 15.11 -2.16 8.99
CA PRO A 274 14.28 -1.01 9.36
C PRO A 274 12.81 -1.35 9.23
N THR A 275 11.95 -0.55 9.88
CA THR A 275 10.52 -0.78 9.86
C THR A 275 9.83 0.59 9.94
N PHE A 276 8.54 0.57 10.23
CA PHE A 276 7.76 1.80 10.27
C PHE A 276 7.01 1.86 11.61
N ASN A 277 6.44 3.00 11.88
CA ASN A 277 5.57 3.13 13.03
C ASN A 277 4.14 3.18 12.52
N PRO A 278 3.32 2.16 12.77
CA PRO A 278 1.95 2.16 12.25
C PRO A 278 1.08 3.25 12.85
N GLU A 279 1.41 3.73 14.05
CA GLU A 279 0.63 4.81 14.64
C GLU A 279 0.77 6.09 13.83
N THR A 280 2.00 6.54 13.59
CA THR A 280 2.21 7.82 12.94
C THR A 280 2.34 7.72 11.42
N GLY A 281 2.65 6.55 10.89
CA GLY A 281 2.97 6.42 9.50
C GLY A 281 4.43 6.62 9.15
N LYS A 282 5.26 6.93 10.14
CA LYS A 282 6.67 7.18 9.88
C LYS A 282 7.32 5.98 9.21
N ASP A 283 7.88 6.21 8.02
CA ASP A 283 8.66 5.27 7.21
C ASP A 283 7.81 4.20 6.54
N PHE A 284 6.49 4.27 6.64
CA PHE A 284 5.63 3.31 5.97
C PHE A 284 5.82 3.45 4.47
N GLY A 285 6.09 2.34 3.80
CA GLY A 285 6.35 2.37 2.36
C GLY A 285 7.80 2.21 1.98
N LYS A 286 8.74 2.50 2.89
CA LYS A 286 10.15 2.43 2.52
C LYS A 286 10.62 1.00 2.29
N LYS A 287 9.96 0.03 2.91
CA LYS A 287 10.21 -1.38 2.65
C LYS A 287 8.89 -2.13 2.75
N TRP A 288 8.35 -2.57 1.62
CA TRP A 288 7.08 -3.28 1.67
C TRP A 288 7.20 -4.67 2.28
N ALA A 289 8.38 -5.28 2.23
CA ALA A 289 8.52 -6.72 2.45
C ALA A 289 8.64 -7.07 3.94
N ASN A 290 7.79 -8.00 4.37
CA ASN A 290 7.96 -8.67 5.65
C ASN A 290 9.09 -9.69 5.53
N ASP A 291 10.08 -9.60 6.43
CA ASP A 291 11.27 -10.45 6.36
C ASP A 291 10.92 -11.91 6.56
N LEU A 292 9.97 -12.20 7.45
CA LEU A 292 9.66 -13.59 7.81
C LEU A 292 9.10 -14.37 6.63
N TYR A 293 8.20 -13.76 5.86
CA TYR A 293 7.46 -14.48 4.81
C TYR A 293 7.80 -14.06 3.39
N GLN A 294 8.23 -12.82 3.18
CA GLN A 294 8.35 -12.28 1.83
C GLN A 294 9.78 -12.03 1.38
N ASN A 295 10.73 -11.91 2.29
CA ASN A 295 12.12 -11.66 1.95
C ASN A 295 12.85 -12.99 1.86
N THR A 296 13.83 -13.08 0.96
CA THR A 296 14.63 -14.30 0.85
C THR A 296 16.09 -14.03 1.19
N TYR A 297 16.74 -15.09 1.67
CA TYR A 297 18.12 -15.02 2.12
C TYR A 297 18.86 -16.23 1.62
N GLU A 298 20.13 -16.03 1.31
CA GLU A 298 21.05 -17.16 1.25
C GLU A 298 21.42 -17.43 2.71
N PRO A 299 20.98 -18.56 3.28
CA PRO A 299 21.03 -18.70 4.73
C PRO A 299 22.40 -18.85 5.31
N GLY A 300 23.39 -19.32 4.55
CA GLY A 300 24.63 -19.69 5.15
C GLY A 300 24.50 -20.99 5.94
N SER A 301 25.36 -21.13 6.96
CA SER A 301 25.65 -22.42 7.57
C SER A 301 24.60 -22.93 8.54
N THR A 302 23.58 -22.13 8.88
CA THR A 302 22.43 -22.70 9.57
C THR A 302 21.79 -23.80 8.74
N PHE A 303 21.89 -23.70 7.42
CA PHE A 303 21.33 -24.65 6.47
C PHE A 303 22.02 -26.00 6.54
N LYS A 304 23.22 -26.06 7.12
CA LYS A 304 23.97 -27.31 7.22
C LYS A 304 23.24 -28.36 8.06
N SER A 305 22.36 -27.94 8.98
CA SER A 305 21.66 -28.91 9.81
C SER A 305 20.80 -29.85 8.99
N TYR A 306 20.23 -29.37 7.88
CA TYR A 306 19.37 -30.23 7.07
C TYR A 306 20.20 -31.19 6.25
N GLY A 307 21.36 -30.73 5.76
CA GLY A 307 22.31 -31.63 5.15
C GLY A 307 22.84 -32.67 6.12
N LEU A 308 23.09 -32.25 7.38
CA LEU A 308 23.48 -33.21 8.40
C LEU A 308 22.39 -34.25 8.64
N ALA A 309 21.13 -33.79 8.81
CA ALA A 309 20.00 -34.70 9.03
C ALA A 309 19.92 -35.74 7.94
N ALA A 310 19.98 -35.28 6.70
CA ALA A 310 19.94 -36.18 5.55
C ALA A 310 21.10 -37.17 5.60
N ALA A 311 22.33 -36.67 5.77
CA ALA A 311 23.48 -37.58 5.81
C ALA A 311 23.37 -38.56 6.97
N ILE A 312 22.77 -38.16 8.09
CA ILE A 312 22.59 -39.10 9.20
C ILE A 312 21.63 -40.21 8.81
N GLN A 313 20.46 -39.84 8.26
CA GLN A 313 19.46 -40.85 7.93
C GLN A 313 19.95 -41.79 6.83
N GLU A 314 20.78 -41.29 5.92
CA GLU A 314 21.31 -42.12 4.83
C GLU A 314 22.53 -42.94 5.25
N GLY A 315 23.01 -42.78 6.48
CA GLY A 315 24.18 -43.52 6.95
C GLY A 315 25.50 -42.98 6.45
N ALA A 316 25.53 -41.79 5.85
CA ALA A 316 26.81 -41.23 5.41
C ALA A 316 27.57 -40.52 6.54
N PHE A 317 26.86 -40.00 7.54
CA PHE A 317 27.49 -39.31 8.66
C PHE A 317 27.73 -40.28 9.80
N ASP A 318 28.97 -40.34 10.27
CA ASP A 318 29.31 -41.06 11.49
C ASP A 318 30.10 -40.07 12.34
N PRO A 319 29.67 -39.78 13.56
CA PRO A 319 30.34 -38.71 14.33
C PRO A 319 31.81 -39.01 14.60
N ASP A 320 32.19 -40.28 14.69
CA ASP A 320 33.57 -40.64 15.01
C ASP A 320 34.43 -40.92 13.78
N LYS A 321 33.81 -41.13 12.62
CA LYS A 321 34.56 -41.39 11.40
C LYS A 321 35.35 -40.15 10.98
N LYS A 322 36.58 -40.37 10.52
CA LYS A 322 37.42 -39.29 10.02
C LYS A 322 37.05 -38.94 8.59
N TYR A 323 37.32 -37.69 8.22
CA TYR A 323 37.26 -37.25 6.84
C TYR A 323 38.40 -36.28 6.60
N LYS A 324 38.77 -36.12 5.33
CA LYS A 324 39.88 -35.23 4.98
C LYS A 324 39.34 -33.82 4.83
N SER A 325 39.71 -32.94 5.77
CA SER A 325 39.32 -31.54 5.72
C SER A 325 40.37 -30.72 4.96
N GLY A 326 40.08 -29.43 4.79
CA GLY A 326 40.95 -28.59 3.99
C GLY A 326 40.22 -27.85 2.89
N HIS A 327 40.03 -28.48 1.74
CA HIS A 327 39.38 -27.84 0.62
C HIS A 327 38.92 -28.89 -0.38
N ARG A 328 38.08 -28.45 -1.33
CA ARG A 328 37.61 -29.27 -2.45
C ARG A 328 37.66 -28.43 -3.72
N ASP A 329 37.89 -29.10 -4.85
CA ASP A 329 37.95 -28.45 -6.15
C ASP A 329 36.69 -28.78 -6.93
N ILE A 330 35.84 -27.78 -7.16
CA ILE A 330 34.52 -27.95 -7.77
C ILE A 330 34.43 -27.00 -8.97
N MET A 331 34.38 -27.56 -10.17
CA MET A 331 34.25 -26.77 -11.41
C MET A 331 35.20 -25.59 -11.46
N GLY A 332 36.48 -25.84 -11.14
CA GLY A 332 37.48 -24.79 -11.23
C GLY A 332 37.44 -23.76 -10.12
N SER A 333 36.68 -24.01 -9.05
CA SER A 333 36.69 -23.18 -7.86
C SER A 333 37.33 -23.93 -6.70
N ARG A 334 38.14 -23.25 -5.93
CA ARG A 334 38.68 -23.79 -4.69
C ARG A 334 37.73 -23.40 -3.56
N ILE A 335 37.01 -24.39 -3.02
CA ILE A 335 36.15 -24.18 -1.87
C ILE A 335 36.85 -24.78 -0.66
N SER A 336 37.18 -23.93 0.31
CA SER A 336 37.98 -24.32 1.45
C SER A 336 37.21 -24.14 2.74
N ASP A 337 37.67 -24.83 3.79
CA ASP A 337 37.22 -24.54 5.14
C ASP A 337 37.62 -23.12 5.53
N TRP A 338 36.93 -22.58 6.53
CA TRP A 338 37.03 -21.15 6.83
C TRP A 338 38.43 -20.72 7.27
N ASN A 339 39.25 -21.64 7.77
CA ASN A 339 40.62 -21.30 8.14
C ASN A 339 41.61 -21.57 7.01
N ARG A 340 41.11 -21.80 5.79
CA ARG A 340 41.88 -21.99 4.56
C ARG A 340 42.54 -23.36 4.52
N VAL A 341 43.21 -23.73 5.62
CA VAL A 341 44.06 -24.91 5.63
C VAL A 341 43.37 -26.16 6.18
N GLY A 342 42.23 -26.03 6.86
CA GLY A 342 41.58 -27.17 7.47
C GLY A 342 42.28 -27.63 8.75
N TRP A 343 41.99 -28.87 9.13
CA TRP A 343 42.51 -29.42 10.38
C TRP A 343 43.05 -30.84 10.21
N GLY A 344 43.35 -31.24 8.98
CA GLY A 344 43.78 -32.60 8.72
C GLY A 344 42.60 -33.55 8.70
N GLU A 345 42.90 -34.82 8.96
CA GLU A 345 41.85 -35.83 9.07
C GLU A 345 41.26 -35.73 10.47
N ILE A 346 40.00 -35.29 10.55
CA ILE A 346 39.35 -35.07 11.83
C ILE A 346 38.02 -35.81 11.82
N PRO A 347 37.46 -36.10 12.99
CA PRO A 347 36.14 -36.73 13.02
C PRO A 347 35.06 -35.82 12.46
N MET A 348 34.05 -36.44 11.85
CA MET A 348 32.97 -35.68 11.24
C MET A 348 32.26 -34.80 12.27
N SER A 349 32.12 -35.29 13.49
CA SER A 349 31.45 -34.50 14.51
C SER A 349 32.19 -33.19 14.75
N LEU A 350 33.53 -33.25 14.84
CA LEU A 350 34.31 -32.04 15.05
C LEU A 350 34.19 -31.09 13.87
N GLY A 351 34.21 -31.63 12.65
CA GLY A 351 33.99 -30.81 11.48
C GLY A 351 32.68 -30.06 11.54
N PHE A 352 31.63 -30.71 12.05
CA PHE A 352 30.36 -29.98 12.18
C PHE A 352 30.45 -28.92 13.27
N THR A 353 31.17 -29.22 14.35
CA THR A 353 31.39 -28.21 15.38
C THR A 353 32.21 -27.04 14.84
N TYR A 354 33.21 -27.33 14.01
CA TYR A 354 33.99 -26.28 13.35
C TYR A 354 33.22 -25.60 12.23
N SER A 355 32.06 -26.11 11.85
CA SER A 355 31.34 -25.66 10.66
C SER A 355 32.24 -25.79 9.42
N SER A 356 32.71 -27.01 9.20
CA SER A 356 33.56 -27.30 8.05
C SER A 356 32.71 -27.34 6.79
N ASN A 357 33.05 -26.50 5.81
CA ASN A 357 32.37 -26.60 4.51
C ASN A 357 32.76 -27.90 3.79
N THR A 358 34.03 -28.33 3.92
CA THR A 358 34.43 -29.54 3.22
C THR A 358 33.68 -30.77 3.74
N LEU A 359 33.34 -30.77 5.03
CA LEU A 359 32.48 -31.83 5.57
C LEU A 359 31.17 -31.91 4.79
N MET A 360 30.50 -30.78 4.62
CA MET A 360 29.20 -30.77 3.95
C MET A 360 29.34 -31.17 2.49
N MET A 361 30.41 -30.75 1.82
CA MET A 361 30.61 -31.15 0.44
C MET A 361 30.92 -32.64 0.33
N HIS A 362 31.68 -33.17 1.31
CA HIS A 362 31.95 -34.60 1.38
C HIS A 362 30.66 -35.39 1.59
N LEU A 363 29.86 -35.00 2.58
CA LEU A 363 28.60 -35.69 2.83
C LEU A 363 27.66 -35.65 1.63
N GLN A 364 27.69 -34.56 0.86
CA GLN A 364 26.85 -34.49 -0.33
C GLN A 364 27.27 -35.51 -1.37
N ASP A 365 28.58 -35.65 -1.59
CA ASP A 365 29.08 -36.71 -2.46
C ASP A 365 28.59 -38.09 -2.01
N LEU A 366 28.72 -38.37 -0.71
CA LEU A 366 28.37 -39.70 -0.18
C LEU A 366 26.89 -39.98 -0.36
N VAL A 367 26.04 -38.98 -0.13
CA VAL A 367 24.60 -39.18 -0.32
C VAL A 367 24.25 -39.21 -1.81
N GLY A 368 24.89 -38.37 -2.60
CA GLY A 368 24.51 -38.29 -4.00
C GLY A 368 23.72 -37.03 -4.25
N ALA A 369 24.00 -36.39 -5.39
CA ALA A 369 23.43 -35.07 -5.64
C ALA A 369 21.91 -35.14 -5.83
N ASP A 370 21.44 -36.12 -6.61
CA ASP A 370 20.01 -36.26 -6.82
C ASP A 370 19.28 -36.42 -5.49
N LYS A 371 19.81 -37.31 -4.64
CA LYS A 371 19.16 -37.58 -3.36
C LYS A 371 19.13 -36.34 -2.47
N MET A 372 20.24 -35.57 -2.44
CA MET A 372 20.25 -34.41 -1.56
C MET A 372 19.24 -33.36 -1.99
N LYS A 373 19.02 -33.19 -3.30
CA LYS A 373 18.02 -32.22 -3.73
C LYS A 373 16.64 -32.60 -3.22
N SER A 374 16.29 -33.89 -3.35
CA SER A 374 15.02 -34.36 -2.78
C SER A 374 14.98 -34.14 -1.28
N TRP A 375 16.12 -34.32 -0.60
CA TRP A 375 16.18 -34.10 0.84
C TRP A 375 15.80 -32.66 1.20
N TYR A 376 16.37 -31.68 0.49
CA TYR A 376 16.02 -30.29 0.78
C TYR A 376 14.55 -30.01 0.47
N GLU A 377 13.99 -30.66 -0.56
CA GLU A 377 12.58 -30.49 -0.86
C GLU A 377 11.69 -31.11 0.22
N ARG A 378 12.09 -32.26 0.79
CA ARG A 378 11.31 -32.87 1.87
C ARG A 378 11.33 -32.02 3.13
N PHE A 379 12.36 -31.22 3.31
CA PHE A 379 12.42 -30.26 4.41
C PHE A 379 11.66 -28.97 4.12
N GLY A 380 10.92 -28.90 3.00
CA GLY A 380 10.07 -27.77 2.68
C GLY A 380 10.72 -26.65 1.90
N PHE A 381 11.98 -26.81 1.51
CA PHE A 381 12.64 -25.69 0.84
C PHE A 381 12.23 -25.63 -0.63
N GLY A 382 12.26 -24.41 -1.18
CA GLY A 382 11.77 -24.21 -2.53
C GLY A 382 10.28 -24.11 -2.67
N LYS A 383 9.51 -24.29 -1.59
CA LYS A 383 8.06 -24.20 -1.61
C LYS A 383 7.58 -23.27 -0.51
N SER A 384 6.52 -22.54 -0.80
CA SER A 384 5.85 -21.75 0.22
C SER A 384 5.38 -22.65 1.36
N THR A 385 5.48 -22.14 2.59
CA THR A 385 4.91 -22.88 3.72
C THR A 385 3.40 -22.79 3.77
N LYS A 386 2.76 -22.03 2.86
CA LYS A 386 1.30 -21.88 2.82
C LYS A 386 0.74 -21.20 4.08
N GLY A 387 1.49 -20.24 4.62
CA GLY A 387 0.99 -19.46 5.74
C GLY A 387 -0.10 -18.49 5.29
N MET A 388 -0.66 -17.80 6.27
CA MET A 388 -1.70 -16.82 6.02
C MET A 388 -1.16 -15.45 5.66
N PHE A 389 0.15 -15.30 5.50
CA PHE A 389 0.69 -14.04 5.06
C PHE A 389 0.59 -13.94 3.54
N ASP A 390 0.26 -12.75 3.04
CA ASP A 390 0.12 -12.54 1.59
C ASP A 390 1.48 -12.56 0.89
N GLY A 391 1.50 -13.07 -0.34
CA GLY A 391 2.72 -13.06 -1.14
C GLY A 391 3.93 -13.75 -0.55
N GLU A 392 3.73 -14.88 0.15
CA GLU A 392 4.87 -15.59 0.72
C GLU A 392 5.84 -16.02 -0.37
N ALA A 393 7.13 -15.76 -0.15
CA ALA A 393 8.13 -16.13 -1.15
C ALA A 393 8.43 -17.63 -1.11
N PRO A 394 8.66 -18.26 -2.26
CA PRO A 394 9.03 -19.68 -2.24
C PRO A 394 10.50 -19.94 -1.97
N GLY A 395 11.38 -18.97 -2.18
CA GLY A 395 12.78 -19.30 -2.18
C GLY A 395 13.11 -20.19 -3.38
N GLN A 396 14.35 -20.69 -3.39
CA GLN A 396 14.79 -21.48 -4.53
C GLN A 396 16.01 -22.29 -4.13
N ILE A 397 15.99 -23.58 -4.45
CA ILE A 397 17.15 -24.45 -4.25
C ILE A 397 18.10 -24.29 -5.42
N GLY A 398 19.31 -23.80 -5.15
CA GLY A 398 20.27 -23.62 -6.23
C GLY A 398 20.95 -24.92 -6.59
N TRP A 399 20.57 -25.49 -7.73
CA TRP A 399 21.00 -26.86 -8.06
C TRP A 399 21.37 -27.01 -9.53
N SER A 400 21.61 -25.91 -10.25
CA SER A 400 21.72 -25.97 -11.70
C SER A 400 23.07 -26.50 -12.18
N ASN A 401 24.05 -26.66 -11.30
CA ASN A 401 25.36 -27.18 -11.67
C ASN A 401 26.05 -27.63 -10.38
N GLU A 402 27.18 -28.31 -10.52
CA GLU A 402 27.86 -28.85 -9.34
C GLU A 402 28.31 -27.75 -8.40
N LEU A 403 28.73 -26.60 -8.93
CA LEU A 403 29.19 -25.52 -8.06
C LEU A 403 28.04 -25.00 -7.22
N GLN A 404 26.88 -24.77 -7.84
CA GLN A 404 25.69 -24.39 -7.10
C GLN A 404 25.29 -25.47 -6.11
N GLN A 405 25.32 -26.74 -6.54
CA GLN A 405 24.97 -27.87 -5.69
C GLN A 405 25.85 -27.92 -4.44
N LYS A 406 27.17 -27.78 -4.63
CA LYS A 406 28.11 -27.88 -3.52
C LYS A 406 27.99 -26.68 -2.58
N THR A 407 27.84 -25.48 -3.13
CA THR A 407 27.69 -24.30 -2.27
C THR A 407 26.35 -24.31 -1.53
N SER A 408 25.34 -24.97 -2.09
CA SER A 408 24.08 -25.13 -1.35
C SER A 408 24.26 -25.94 -0.08
N SER A 409 25.23 -26.86 -0.06
CA SER A 409 25.46 -27.66 1.15
C SER A 409 25.78 -26.79 2.35
N PHE A 410 26.38 -25.61 2.17
CA PHE A 410 26.57 -24.71 3.29
C PHE A 410 25.76 -23.41 3.17
N GLY A 411 24.64 -23.45 2.45
CA GLY A 411 23.65 -22.39 2.53
C GLY A 411 23.90 -21.21 1.61
N GLN A 412 24.79 -21.34 0.63
CA GLN A 412 25.03 -20.36 -0.41
C GLN A 412 24.33 -20.81 -1.69
N SER A 413 23.91 -19.83 -2.51
CA SER A 413 23.20 -20.01 -3.78
C SER A 413 21.72 -20.32 -3.59
N THR A 414 21.39 -21.29 -2.73
CA THR A 414 20.02 -21.50 -2.31
C THR A 414 19.51 -20.29 -1.53
N THR A 415 18.26 -19.90 -1.79
CA THR A 415 17.58 -18.85 -1.05
C THR A 415 16.39 -19.44 -0.29
N VAL A 416 16.15 -18.93 0.91
CA VAL A 416 15.11 -19.42 1.80
C VAL A 416 14.42 -18.21 2.42
N THR A 417 13.25 -18.45 2.94
CA THR A 417 12.63 -17.49 3.84
C THR A 417 12.87 -17.91 5.29
N PRO A 418 12.87 -16.98 6.23
CA PRO A 418 13.07 -17.37 7.62
C PRO A 418 12.02 -18.36 8.08
N VAL A 419 10.79 -18.27 7.55
CA VAL A 419 9.73 -19.16 8.00
C VAL A 419 9.98 -20.58 7.53
N GLN A 420 10.61 -20.75 6.36
CA GLN A 420 11.02 -22.10 5.95
C GLN A 420 12.05 -22.67 6.90
N MET A 421 12.97 -21.83 7.38
CA MET A 421 14.04 -22.25 8.28
C MET A 421 13.45 -22.72 9.62
N LEU A 422 12.49 -21.97 10.13
CA LEU A 422 11.82 -22.32 11.37
C LEU A 422 11.04 -23.62 11.21
N GLN A 423 10.28 -23.74 10.12
CA GLN A 423 9.56 -24.98 9.86
C GLN A 423 10.52 -26.16 9.80
N ALA A 424 11.59 -26.03 9.01
CA ALA A 424 12.54 -27.13 8.89
C ALA A 424 13.20 -27.46 10.23
N GLN A 425 13.60 -26.43 10.99
CA GLN A 425 14.30 -26.68 12.25
C GLN A 425 13.41 -27.36 13.30
N SER A 426 12.11 -27.07 13.30
CA SER A 426 11.20 -27.67 14.26
C SER A 426 11.19 -29.19 14.19
N ALA A 427 11.56 -29.77 13.05
CA ALA A 427 11.62 -31.24 12.95
C ALA A 427 12.49 -31.86 14.04
N PHE A 428 13.61 -31.21 14.37
CA PHE A 428 14.57 -31.84 15.27
C PHE A 428 14.06 -31.96 16.70
N PHE A 429 12.95 -31.31 17.06
CA PHE A 429 12.44 -31.29 18.42
C PHE A 429 11.01 -31.81 18.49
N ASN A 430 10.49 -32.35 17.39
CA ASN A 430 9.15 -32.92 17.34
C ASN A 430 9.19 -34.31 16.69
N ASP A 431 10.20 -35.09 17.08
CA ASP A 431 10.33 -36.48 16.66
C ASP A 431 10.41 -36.60 15.13
N GLY A 432 10.99 -35.60 14.47
CA GLY A 432 11.09 -35.61 13.03
C GLY A 432 9.98 -34.88 12.31
N ASN A 433 8.92 -34.45 13.01
CA ASN A 433 7.81 -33.74 12.39
C ASN A 433 8.12 -32.26 12.29
N MET A 434 8.01 -31.71 11.08
CA MET A 434 8.02 -30.27 10.89
C MET A 434 6.68 -29.69 11.33
N LEU A 435 6.72 -28.58 12.05
CA LEU A 435 5.49 -27.88 12.43
C LEU A 435 5.30 -26.69 11.48
N LYS A 436 4.09 -26.53 10.97
CA LYS A 436 3.80 -25.37 10.15
C LYS A 436 3.75 -24.14 11.04
N PRO A 437 4.64 -23.16 10.88
CA PRO A 437 4.56 -21.99 11.75
C PRO A 437 3.26 -21.25 11.51
N TRP A 438 2.70 -20.66 12.57
CA TRP A 438 1.46 -19.91 12.46
C TRP A 438 1.44 -18.78 13.47
N PHE A 439 0.72 -17.71 13.12
CA PHE A 439 0.65 -16.49 13.93
C PHE A 439 -0.77 -15.96 14.11
N VAL A 440 -1.77 -16.56 13.49
CA VAL A 440 -3.16 -16.13 13.65
C VAL A 440 -3.87 -17.11 14.57
N ASN A 441 -4.30 -16.63 15.74
CA ASN A 441 -5.00 -17.54 16.66
C ASN A 441 -6.47 -17.72 16.29
N SER A 442 -7.17 -16.62 16.00
CA SER A 442 -8.59 -16.71 15.68
C SER A 442 -9.00 -15.45 14.95
N VAL A 443 -10.03 -15.58 14.13
CA VAL A 443 -10.78 -14.47 13.57
C VAL A 443 -12.23 -14.68 13.98
N GLU A 444 -12.79 -13.70 14.68
CA GLU A 444 -14.11 -13.94 15.25
C GLU A 444 -14.76 -12.60 15.55
N ASN A 445 -16.09 -12.60 15.49
CA ASN A 445 -16.86 -11.39 15.74
C ASN A 445 -17.27 -11.34 17.20
N PRO A 446 -16.94 -10.28 17.94
CA PRO A 446 -17.32 -10.22 19.36
C PRO A 446 -18.79 -9.96 19.60
N VAL A 447 -19.57 -9.57 18.60
CA VAL A 447 -20.99 -9.30 18.82
C VAL A 447 -21.80 -10.56 18.54
N SER A 448 -21.66 -11.12 17.34
CA SER A 448 -22.36 -12.36 17.01
C SER A 448 -21.73 -13.58 17.67
N LYS A 449 -20.46 -13.52 18.03
CA LYS A 449 -19.64 -14.62 18.56
C LYS A 449 -19.29 -15.65 17.50
N ARG A 450 -19.53 -15.38 16.22
CA ARG A 450 -19.11 -16.30 15.16
C ARG A 450 -17.59 -16.39 15.06
N GLN A 451 -17.06 -17.63 15.05
CA GLN A 451 -15.64 -17.90 14.87
C GLN A 451 -15.41 -18.28 13.41
N PHE A 452 -14.74 -17.39 12.67
CA PHE A 452 -14.48 -17.62 11.26
C PHE A 452 -13.27 -18.51 11.04
N TYR A 453 -12.35 -18.49 11.99
CA TYR A 453 -11.10 -19.20 11.81
C TYR A 453 -10.48 -19.44 13.18
N LYS A 454 -9.85 -20.59 13.34
CA LYS A 454 -9.10 -20.91 14.56
C LYS A 454 -7.79 -21.58 14.15
N GLY A 455 -6.67 -20.97 14.52
CA GLY A 455 -5.39 -21.54 14.19
C GLY A 455 -5.10 -22.79 15.03
N GLN A 456 -4.17 -23.60 14.54
CA GLN A 456 -3.84 -24.83 15.25
C GLN A 456 -2.46 -25.31 14.81
N LYS A 457 -1.86 -26.12 15.68
CA LYS A 457 -0.65 -26.86 15.35
C LYS A 457 -0.93 -27.81 14.19
N GLN A 458 -0.06 -27.80 13.20
CA GLN A 458 -0.24 -28.67 12.04
C GLN A 458 1.11 -29.16 11.59
N ILE A 459 1.19 -30.46 11.30
CA ILE A 459 2.43 -31.07 10.85
C ILE A 459 2.61 -30.77 9.37
N ALA A 460 3.76 -30.18 9.01
CA ALA A 460 4.02 -29.85 7.61
C ALA A 460 4.58 -31.02 6.83
N GLY A 461 4.99 -32.08 7.49
CA GLY A 461 5.66 -33.21 6.89
C GLY A 461 6.62 -33.80 7.91
N LYS A 462 7.01 -35.05 7.68
CA LYS A 462 7.95 -35.74 8.57
C LYS A 462 9.13 -36.21 7.72
N PRO A 463 10.12 -35.34 7.49
CA PRO A 463 11.23 -35.72 6.61
C PRO A 463 12.20 -36.71 7.24
N ILE A 464 12.32 -36.75 8.57
CA ILE A 464 13.31 -37.57 9.22
C ILE A 464 12.68 -38.37 10.35
N THR A 465 13.36 -39.45 10.73
CA THR A 465 12.93 -40.26 11.84
C THR A 465 13.32 -39.62 13.17
N LYS A 466 12.68 -40.09 14.24
CA LYS A 466 12.97 -39.61 15.58
C LYS A 466 14.43 -39.85 15.95
N ASP A 467 15.00 -40.98 15.52
CA ASP A 467 16.41 -41.28 15.78
C ASP A 467 17.32 -40.26 15.11
N THR A 468 17.09 -39.96 13.83
CA THR A 468 17.87 -38.94 13.14
C THR A 468 17.77 -37.58 13.85
N ALA A 469 16.56 -37.21 14.28
CA ALA A 469 16.34 -35.95 14.97
C ALA A 469 17.22 -35.82 16.21
N GLU A 470 17.32 -36.89 17.02
CA GLU A 470 18.16 -36.86 18.22
C GLU A 470 19.63 -36.72 17.87
N LYS A 471 20.09 -37.45 16.87
CA LYS A 471 21.49 -37.34 16.48
C LYS A 471 21.83 -35.95 15.94
N VAL A 472 20.91 -35.29 15.24
CA VAL A 472 21.13 -33.89 14.86
C VAL A 472 21.23 -33.02 16.11
N GLU A 473 20.28 -33.18 17.02
CA GLU A 473 20.28 -32.38 18.24
C GLU A 473 21.60 -32.55 19.02
N LYS A 474 22.17 -33.76 19.04
CA LYS A 474 23.46 -33.95 19.70
C LYS A 474 24.54 -33.08 19.06
N GLN A 475 24.53 -32.96 17.73
CA GLN A 475 25.53 -32.13 17.07
C GLN A 475 25.27 -30.64 17.30
N LEU A 476 24.00 -30.23 17.33
CA LEU A 476 23.68 -28.83 17.63
C LEU A 476 24.13 -28.45 19.04
N ASP A 477 23.98 -29.39 19.98
CA ASP A 477 24.51 -29.19 21.33
C ASP A 477 26.00 -28.95 21.29
N LEU A 478 26.72 -29.79 20.55
CA LEU A 478 28.17 -29.68 20.49
C LEU A 478 28.61 -28.35 19.85
N VAL A 479 27.89 -27.87 18.84
CA VAL A 479 28.27 -26.61 18.20
C VAL A 479 28.47 -25.51 19.24
N VAL A 480 27.57 -25.42 20.20
CA VAL A 480 27.65 -24.37 21.20
C VAL A 480 28.45 -24.81 22.43
N ASN A 481 28.37 -26.09 22.80
CA ASN A 481 28.86 -26.48 24.12
C ASN A 481 30.10 -27.37 24.07
N SER A 482 30.54 -27.82 22.89
CA SER A 482 31.77 -28.59 22.80
C SER A 482 32.94 -27.79 23.36
N LYS A 483 33.88 -28.52 23.96
CA LYS A 483 35.06 -27.86 24.51
C LYS A 483 35.88 -27.20 23.43
N LYS A 484 35.64 -27.55 22.15
CA LYS A 484 36.29 -26.93 21.01
C LYS A 484 35.36 -26.00 20.25
N SER A 485 34.27 -25.55 20.87
CA SER A 485 33.29 -24.75 20.18
C SER A 485 33.86 -23.38 19.79
N HIS A 486 33.46 -22.92 18.61
CA HIS A 486 33.70 -21.57 18.14
C HIS A 486 32.42 -20.72 18.18
N ALA A 487 31.47 -21.09 19.04
CA ALA A 487 30.22 -20.36 19.20
C ALA A 487 29.90 -20.13 20.68
N ALA A 488 30.90 -20.20 21.56
CA ALA A 488 30.64 -20.01 22.98
C ALA A 488 30.04 -18.65 23.30
N ASN A 489 30.17 -17.67 22.41
CA ASN A 489 29.53 -16.38 22.67
C ASN A 489 28.01 -16.44 22.62
N TYR A 490 27.41 -17.57 22.24
CA TYR A 490 25.96 -17.73 22.32
C TYR A 490 25.52 -18.39 23.61
N ARG A 491 26.45 -18.78 24.48
CA ARG A 491 26.08 -19.35 25.76
C ARG A 491 25.40 -18.31 26.65
N ILE A 492 24.46 -18.79 27.46
CA ILE A 492 23.75 -17.96 28.41
C ILE A 492 23.96 -18.56 29.80
N ASP A 493 24.53 -17.77 30.70
CA ASP A 493 24.74 -18.24 32.07
C ASP A 493 23.42 -18.68 32.70
N GLY A 494 23.39 -19.93 33.15
CA GLY A 494 22.23 -20.48 33.83
C GLY A 494 21.30 -21.28 32.95
N TYR A 495 21.49 -21.26 31.64
CA TYR A 495 20.59 -21.94 30.72
C TYR A 495 21.43 -22.73 29.72
N GLU A 496 20.89 -23.84 29.26
CA GLU A 496 21.59 -24.63 28.26
C GLU A 496 21.05 -24.27 26.88
N VAL A 497 21.95 -23.97 25.97
CA VAL A 497 21.60 -23.43 24.67
C VAL A 497 22.22 -24.31 23.59
N GLU A 498 21.55 -24.40 22.45
CA GLU A 498 22.13 -25.09 21.33
C GLU A 498 21.67 -24.41 20.06
N GLY A 499 22.39 -24.68 18.98
CA GLY A 499 22.02 -24.12 17.70
C GLY A 499 23.19 -24.13 16.74
N LYS A 500 23.02 -23.36 15.67
CA LYS A 500 23.96 -23.35 14.57
C LYS A 500 24.14 -21.91 14.10
N THR A 501 25.40 -21.53 13.86
CA THR A 501 25.80 -20.21 13.40
C THR A 501 25.76 -20.13 11.87
N GLY A 502 25.62 -18.91 11.35
CA GLY A 502 25.74 -18.72 9.93
C GLY A 502 26.41 -17.42 9.54
N THR A 503 27.22 -17.47 8.49
CA THR A 503 27.79 -16.27 7.87
C THR A 503 27.74 -16.48 6.37
N ALA A 504 27.04 -15.60 5.64
CA ALA A 504 26.88 -15.76 4.20
C ALA A 504 27.15 -14.45 3.47
N GLN A 505 27.54 -14.60 2.21
CA GLN A 505 27.66 -13.41 1.34
C GLN A 505 26.23 -13.03 0.94
N VAL A 506 26.07 -11.82 0.46
CA VAL A 506 24.75 -11.26 0.15
C VAL A 506 24.75 -10.86 -1.31
N ALA A 507 23.76 -11.35 -2.06
CA ALA A 507 23.69 -11.03 -3.47
C ALA A 507 23.46 -9.53 -3.68
N ALA A 508 24.28 -8.92 -4.52
CA ALA A 508 24.04 -7.55 -4.93
C ALA A 508 22.72 -7.51 -5.69
N PRO A 509 21.83 -6.56 -5.39
CA PRO A 509 20.59 -6.49 -6.18
C PRO A 509 20.83 -6.32 -7.67
N ASN A 510 21.79 -5.49 -8.03
CA ASN A 510 22.00 -5.08 -9.40
C ASN A 510 23.45 -5.39 -9.77
N GLY A 511 23.65 -5.88 -10.99
CA GLY A 511 24.90 -6.53 -11.33
C GLY A 511 24.93 -7.93 -10.73
N GLY A 512 25.70 -8.83 -11.33
CA GLY A 512 25.60 -10.23 -10.98
C GLY A 512 26.54 -10.79 -9.94
N GLY A 513 26.83 -10.06 -8.88
CA GLY A 513 27.75 -10.59 -7.89
C GLY A 513 27.30 -10.50 -6.45
N TYR A 514 28.26 -10.56 -5.54
CA TYR A 514 28.01 -10.37 -4.12
C TYR A 514 28.34 -8.94 -3.73
N VAL A 515 27.65 -8.43 -2.71
CA VAL A 515 28.01 -7.14 -2.14
C VAL A 515 29.48 -7.17 -1.77
N LYS A 516 30.21 -6.12 -2.17
CA LYS A 516 31.62 -6.01 -1.87
C LYS A 516 31.82 -5.20 -0.59
N GLY A 517 32.95 -5.42 0.07
CA GLY A 517 33.26 -4.73 1.31
C GLY A 517 34.06 -5.62 2.23
N PRO A 518 34.50 -5.07 3.36
CA PRO A 518 35.39 -5.83 4.27
C PRO A 518 34.74 -7.05 4.89
N ASN A 519 33.51 -6.93 5.39
CA ASN A 519 32.78 -8.04 6.00
C ASN A 519 31.32 -7.97 5.56
N PRO A 520 31.05 -8.21 4.27
CA PRO A 520 29.70 -7.96 3.73
C PRO A 520 28.80 -9.19 3.83
N TYR A 521 28.38 -9.48 5.06
CA TYR A 521 27.82 -10.77 5.42
C TYR A 521 26.41 -10.64 5.97
N PHE A 522 25.59 -11.64 5.66
CA PHE A 522 24.40 -11.97 6.43
C PHE A 522 24.84 -12.95 7.51
N VAL A 523 24.76 -12.55 8.77
CA VAL A 523 25.16 -13.40 9.88
C VAL A 523 23.92 -13.81 10.66
N SER A 524 23.87 -15.07 11.10
CA SER A 524 22.63 -15.54 11.71
C SER A 524 22.90 -16.65 12.70
N PHE A 525 21.88 -16.95 13.49
CA PHE A 525 21.96 -18.00 14.49
C PHE A 525 20.56 -18.60 14.62
N MET A 526 20.46 -19.92 14.45
CA MET A 526 19.22 -20.66 14.69
C MET A 526 19.40 -21.35 16.03
N GLY A 527 18.80 -20.79 17.07
CA GLY A 527 19.03 -21.31 18.41
C GLY A 527 17.81 -21.87 19.08
N ASP A 528 17.98 -22.75 20.06
CA ASP A 528 16.85 -23.23 20.81
C ASP A 528 17.30 -23.55 22.23
N ALA A 529 16.35 -23.52 23.16
CA ALA A 529 16.63 -23.73 24.56
C ALA A 529 15.33 -24.01 25.28
N PRO A 530 15.37 -24.78 26.41
CA PRO A 530 16.53 -25.52 26.93
C PRO A 530 17.00 -26.55 25.92
N LYS A 531 18.27 -26.91 25.89
CA LYS A 531 18.72 -27.82 24.84
C LYS A 531 18.06 -29.19 25.00
N LYS A 532 17.98 -29.91 23.88
CA LYS A 532 17.33 -31.22 23.77
C LYS A 532 15.81 -31.10 23.81
N ASN A 533 15.26 -30.41 24.79
CA ASN A 533 13.81 -30.25 24.95
C ASN A 533 13.45 -28.78 25.06
N PRO A 534 13.55 -28.05 23.97
CA PRO A 534 13.39 -26.58 24.04
C PRO A 534 11.94 -26.17 24.26
N LYS A 535 11.79 -25.01 24.88
CA LYS A 535 10.50 -24.34 24.87
C LYS A 535 10.35 -23.46 23.64
N VAL A 536 11.41 -22.78 23.19
CA VAL A 536 11.32 -21.91 22.01
C VAL A 536 12.50 -22.11 21.08
N ILE A 537 12.27 -21.74 19.83
CA ILE A 537 13.31 -21.57 18.83
C ILE A 537 13.42 -20.07 18.60
N VAL A 538 14.64 -19.56 18.62
CA VAL A 538 14.88 -18.17 18.31
C VAL A 538 15.83 -18.12 17.13
N TYR A 539 15.39 -17.49 16.05
CA TYR A 539 16.16 -17.32 14.84
C TYR A 539 16.36 -15.82 14.63
N ALA A 540 17.62 -15.38 14.53
CA ALA A 540 17.89 -13.98 14.30
C ALA A 540 18.90 -13.86 13.18
N GLY A 541 18.73 -12.82 12.35
CA GLY A 541 19.58 -12.63 11.19
C GLY A 541 19.90 -11.17 11.00
N MET A 542 21.14 -10.87 10.60
CA MET A 542 21.59 -9.50 10.37
C MET A 542 22.32 -9.42 9.04
N SER A 543 21.85 -8.56 8.15
CA SER A 543 22.43 -8.39 6.84
C SER A 543 23.16 -7.05 6.74
N LEU A 544 24.47 -7.11 6.41
CA LEU A 544 25.25 -5.95 5.98
C LEU A 544 25.30 -4.86 7.05
N ALA A 545 25.95 -5.19 8.17
CA ALA A 545 26.30 -4.17 9.14
C ALA A 545 27.07 -3.03 8.47
N GLN A 546 26.57 -1.80 8.64
CA GLN A 546 27.29 -0.62 8.12
C GLN A 546 28.23 -0.01 9.15
N LYS A 547 28.19 -0.51 10.38
CA LYS A 547 28.99 -0.04 11.50
C LYS A 547 29.48 -1.27 12.23
N ASN A 548 30.75 -1.26 12.65
CA ASN A 548 31.32 -2.40 13.40
C ASN A 548 31.19 -3.71 12.64
N ASP A 549 31.43 -3.66 11.32
CA ASP A 549 31.27 -4.86 10.49
C ASP A 549 32.22 -5.98 10.91
N GLN A 550 33.40 -5.65 11.42
CA GLN A 550 34.30 -6.72 11.86
C GLN A 550 33.74 -7.45 13.06
N GLU A 551 33.18 -6.71 14.02
CA GLU A 551 32.58 -7.35 15.19
C GLU A 551 31.31 -8.10 14.80
N ALA A 552 30.53 -7.54 13.88
CA ALA A 552 29.38 -8.26 13.37
C ALA A 552 29.78 -9.61 12.86
N TYR A 553 30.93 -9.70 12.19
CA TYR A 553 31.43 -10.99 11.73
C TYR A 553 31.85 -11.87 12.90
N GLU A 554 32.54 -11.30 13.90
CA GLU A 554 33.02 -12.10 15.03
C GLU A 554 31.88 -12.61 15.90
N LEU A 555 30.95 -11.73 16.31
CA LEU A 555 29.91 -12.10 17.27
C LEU A 555 28.58 -12.46 16.63
N GLY A 556 28.42 -12.30 15.33
CA GLY A 556 27.16 -12.68 14.70
C GLY A 556 25.99 -11.89 15.27
N VAL A 557 24.93 -12.59 15.63
CA VAL A 557 23.77 -11.97 16.25
C VAL A 557 23.71 -12.29 17.75
N SER A 558 24.85 -12.62 18.36
CA SER A 558 24.80 -13.09 19.74
C SER A 558 24.34 -11.99 20.67
N LYS A 559 24.54 -10.72 20.31
CA LYS A 559 24.08 -9.64 21.17
C LYS A 559 22.57 -9.44 21.07
N ALA A 560 21.92 -10.06 20.09
CA ALA A 560 20.46 -10.13 20.05
C ALA A 560 19.92 -11.47 20.53
N PHE A 561 20.58 -12.58 20.19
CA PHE A 561 20.08 -13.88 20.64
C PHE A 561 20.03 -13.94 22.16
N LYS A 562 21.11 -13.51 22.82
CA LYS A 562 21.22 -13.69 24.27
C LYS A 562 20.15 -12.93 25.05
N PRO A 563 19.92 -11.62 24.82
CA PRO A 563 18.84 -10.95 25.55
C PRO A 563 17.45 -11.51 25.24
N ILE A 564 17.16 -11.83 23.97
CA ILE A 564 15.86 -12.40 23.61
C ILE A 564 15.65 -13.76 24.28
N MET A 565 16.62 -14.66 24.12
CA MET A 565 16.43 -16.01 24.66
C MET A 565 16.41 -15.99 26.19
N GLU A 566 17.33 -15.28 26.82
CA GLU A 566 17.37 -15.28 28.29
C GLU A 566 16.07 -14.75 28.87
N ASN A 567 15.62 -13.59 28.40
CA ASN A 567 14.40 -12.99 28.96
C ASN A 567 13.17 -13.83 28.65
N THR A 568 13.14 -14.44 27.47
CA THR A 568 12.01 -15.27 27.08
C THR A 568 11.91 -16.48 27.98
N LEU A 569 13.05 -17.16 28.25
CA LEU A 569 13.04 -18.33 29.11
C LEU A 569 12.60 -17.97 30.54
N LYS A 570 13.12 -16.86 31.08
CA LYS A 570 12.68 -16.40 32.40
C LYS A 570 11.17 -16.15 32.41
N TYR A 571 10.67 -15.42 31.42
CA TYR A 571 9.24 -15.12 31.32
C TYR A 571 8.40 -16.38 31.19
N LEU A 572 8.94 -17.43 30.56
CA LEU A 572 8.25 -18.70 30.40
C LEU A 572 8.48 -19.63 31.58
N ASN A 573 9.12 -19.13 32.64
CA ASN A 573 9.29 -19.84 33.91
C ASN A 573 10.18 -21.06 33.78
N VAL A 574 11.15 -21.00 32.87
CA VAL A 574 12.18 -22.02 32.81
C VAL A 574 13.19 -21.74 33.92
N GLY A 575 13.42 -22.74 34.77
CA GLY A 575 14.30 -22.55 35.92
C GLY A 575 15.76 -22.50 35.52
N LYS A 576 16.49 -21.50 36.05
CA LYS A 576 17.90 -21.33 35.75
C LYS A 576 18.76 -22.16 36.70
N SER A 577 19.89 -22.63 36.18
CA SER A 577 20.80 -23.52 36.89
C SER A 577 21.98 -23.92 36.00
N GLN B 48 19.64 -11.15 -10.26
CA GLN B 48 18.85 -9.92 -10.17
C GLN B 48 17.39 -10.18 -10.50
N GLN B 49 16.56 -9.16 -10.33
CA GLN B 49 15.12 -9.25 -10.57
C GLN B 49 14.83 -9.27 -12.06
N PRO B 50 13.83 -10.02 -12.51
CA PRO B 50 13.38 -9.85 -13.90
C PRO B 50 12.85 -8.43 -14.12
N GLU B 51 12.99 -7.96 -15.36
CA GLU B 51 12.48 -6.63 -15.71
C GLU B 51 10.97 -6.61 -15.54
N ARG B 52 10.49 -5.63 -14.77
CA ARG B 52 9.06 -5.47 -14.56
C ARG B 52 8.44 -4.96 -15.85
N GLY B 53 7.32 -5.57 -16.23
CA GLY B 53 6.62 -5.16 -17.43
C GLY B 53 6.21 -3.69 -17.40
N LYS B 54 5.91 -3.19 -18.58
CA LYS B 54 5.57 -1.78 -18.73
C LYS B 54 4.06 -1.58 -18.67
N ILE B 55 3.66 -0.36 -18.34
CA ILE B 55 2.26 0.06 -18.47
C ILE B 55 2.20 1.04 -19.63
N TYR B 56 1.34 0.77 -20.61
CA TYR B 56 1.28 1.58 -21.83
C TYR B 56 -0.07 2.27 -21.92
N ASP B 57 -0.11 3.40 -22.64
CA ASP B 57 -1.39 3.98 -22.98
C ASP B 57 -1.89 3.38 -24.30
N ARG B 58 -3.07 3.81 -24.76
CA ARG B 58 -3.71 3.10 -25.88
C ARG B 58 -2.94 3.26 -27.19
N ASN B 59 -2.02 4.21 -27.25
CA ASN B 59 -1.22 4.46 -28.45
C ASN B 59 0.22 3.98 -28.27
N GLY B 60 0.50 3.19 -27.25
CA GLY B 60 1.82 2.67 -27.04
C GLY B 60 2.78 3.60 -26.32
N LYS B 61 2.31 4.73 -25.79
CA LYS B 61 3.18 5.59 -24.98
C LYS B 61 3.41 4.97 -23.60
N VAL B 62 4.65 5.01 -23.14
CA VAL B 62 5.01 4.41 -21.85
C VAL B 62 4.46 5.24 -20.71
N LEU B 63 3.76 4.60 -19.77
CA LEU B 63 3.31 5.22 -18.54
C LEU B 63 4.13 4.78 -17.33
N ALA B 64 4.68 3.57 -17.36
CA ALA B 64 5.55 3.07 -16.31
C ALA B 64 6.52 2.08 -16.94
N GLU B 65 7.77 2.13 -16.48
CA GLU B 65 8.82 1.25 -16.97
C GLU B 65 9.96 1.21 -15.96
N ASP B 66 10.77 0.14 -16.04
CA ASP B 66 12.00 0.04 -15.26
C ASP B 66 13.11 0.82 -15.97
N VAL B 67 13.94 1.53 -15.20
CA VAL B 67 15.10 2.25 -15.70
C VAL B 67 16.27 2.03 -14.75
N GLU B 68 17.47 2.29 -15.24
CA GLU B 68 18.65 2.27 -14.40
C GLU B 68 18.95 3.67 -13.87
N ARG B 69 19.11 3.78 -12.55
CA ARG B 69 19.56 4.99 -11.88
C ARG B 69 20.80 4.63 -11.05
N TYR B 70 21.27 5.57 -10.24
CA TYR B 70 22.55 5.40 -9.56
C TYR B 70 22.47 5.88 -8.13
N LYS B 71 23.22 5.18 -7.26
CA LYS B 71 23.30 5.49 -5.84
C LYS B 71 24.72 5.91 -5.50
N LEU B 72 24.84 6.98 -4.73
CA LEU B 72 26.15 7.53 -4.38
C LEU B 72 26.72 6.80 -3.17
N VAL B 73 27.98 6.34 -3.28
CA VAL B 73 28.67 5.65 -2.19
C VAL B 73 30.03 6.32 -1.94
N ALA B 74 30.37 6.57 -0.68
CA ALA B 74 31.66 7.15 -0.29
C ALA B 74 32.40 6.21 0.65
N VAL B 75 33.54 5.68 0.20
CA VAL B 75 34.40 4.91 1.09
C VAL B 75 35.22 5.88 1.92
N ILE B 76 35.14 5.76 3.24
CA ILE B 76 35.82 6.72 4.12
C ILE B 76 36.90 6.11 4.99
N ASP B 77 37.06 4.79 5.05
CA ASP B 77 38.10 4.22 5.90
C ASP B 77 39.43 4.14 5.14
N LYS B 78 40.48 4.71 5.76
CA LYS B 78 41.84 4.68 5.19
C LYS B 78 42.29 3.28 4.79
N LYS B 79 41.86 2.26 5.53
CA LYS B 79 42.28 0.89 5.25
C LYS B 79 42.06 0.52 3.78
N ALA B 80 41.04 1.10 3.14
CA ALA B 80 40.76 0.78 1.74
C ALA B 80 41.92 1.07 0.81
N SER B 81 42.86 1.94 1.22
CA SER B 81 43.94 2.44 0.38
C SER B 81 45.30 1.85 0.75
N ALA B 82 45.32 0.74 1.48
CA ALA B 82 46.59 0.20 1.98
C ALA B 82 47.55 -0.13 0.84
N ASN B 83 47.08 -0.88 -0.16
CA ASN B 83 47.95 -1.42 -1.19
C ASN B 83 48.05 -0.53 -2.43
N SER B 84 47.40 0.64 -2.44
CA SER B 84 47.10 1.32 -3.69
C SER B 84 48.05 2.48 -3.96
N LYS B 85 48.31 2.73 -5.24
CA LYS B 85 49.05 3.89 -5.70
C LYS B 85 48.16 5.11 -5.88
N LYS B 86 46.88 5.00 -5.56
CA LYS B 86 45.94 6.10 -5.55
C LYS B 86 45.02 5.87 -4.37
N PRO B 87 44.62 6.91 -3.64
CA PRO B 87 43.73 6.70 -2.50
C PRO B 87 42.38 6.16 -2.99
N ARG B 88 41.87 5.17 -2.27
CA ARG B 88 40.57 4.58 -2.58
C ARG B 88 39.52 4.96 -1.54
N HIS B 89 39.77 6.01 -0.77
CA HIS B 89 38.87 6.54 0.24
C HIS B 89 38.94 8.06 0.23
N VAL B 90 37.93 8.69 0.81
CA VAL B 90 37.83 10.15 0.85
C VAL B 90 38.94 10.68 1.75
N VAL B 91 39.90 11.40 1.16
CA VAL B 91 41.00 11.96 1.95
C VAL B 91 40.73 13.40 2.36
N ASP B 92 40.05 14.18 1.53
CA ASP B 92 39.72 15.58 1.81
C ASP B 92 38.20 15.70 1.97
N LYS B 93 37.75 15.78 3.23
CA LYS B 93 36.32 15.76 3.52
C LYS B 93 35.62 17.07 3.13
N LYS B 94 36.30 18.21 3.28
CA LYS B 94 35.65 19.47 2.95
C LYS B 94 35.54 19.66 1.43
N GLU B 95 36.63 19.40 0.71
CA GLU B 95 36.60 19.54 -0.75
C GLU B 95 35.60 18.58 -1.37
N THR B 96 35.54 17.35 -0.84
CA THR B 96 34.56 16.37 -1.31
C THR B 96 33.12 16.85 -1.09
N ALA B 97 32.80 17.27 0.15
CA ALA B 97 31.46 17.72 0.45
C ALA B 97 31.06 18.93 -0.38
N LYS B 98 31.98 19.88 -0.57
CA LYS B 98 31.68 21.07 -1.36
C LYS B 98 31.39 20.70 -2.80
N LYS B 99 32.18 19.80 -3.37
CA LYS B 99 31.99 19.42 -4.77
C LYS B 99 30.72 18.59 -4.98
N LEU B 100 30.36 17.73 -4.01
CA LEU B 100 29.15 16.92 -4.17
C LEU B 100 27.89 17.77 -4.09
N SER B 101 27.93 18.88 -3.35
CA SER B 101 26.75 19.75 -3.22
C SER B 101 26.34 20.37 -4.54
N THR B 102 27.22 20.37 -5.53
CA THR B 102 26.88 20.87 -6.87
C THR B 102 26.19 19.83 -7.74
N VAL B 103 25.79 18.70 -7.17
CA VAL B 103 25.12 17.67 -7.95
C VAL B 103 23.93 17.12 -7.16
N ILE B 104 24.17 16.57 -5.98
CA ILE B 104 23.09 16.13 -5.11
C ILE B 104 22.61 17.32 -4.28
N ASP B 105 21.34 17.25 -3.89
CA ASP B 105 20.66 18.35 -3.23
C ASP B 105 20.86 18.27 -1.71
N MET B 106 22.06 18.66 -1.28
CA MET B 106 22.41 18.57 0.14
C MET B 106 23.40 19.68 0.49
N LYS B 107 23.26 20.20 1.70
CA LYS B 107 24.18 21.23 2.17
C LYS B 107 25.56 20.62 2.43
N PRO B 108 26.64 21.31 2.07
CA PRO B 108 27.98 20.77 2.33
C PRO B 108 28.22 20.42 3.79
N GLU B 109 27.61 21.16 4.72
CA GLU B 109 27.79 20.86 6.14
C GLU B 109 27.20 19.51 6.50
N GLU B 110 26.02 19.20 5.96
CA GLU B 110 25.44 17.88 6.20
C GLU B 110 26.27 16.79 5.57
N ILE B 111 26.80 17.02 4.36
CA ILE B 111 27.56 15.98 3.67
C ILE B 111 28.79 15.60 4.49
N GLU B 112 29.54 16.60 4.95
CA GLU B 112 30.70 16.30 5.77
C GLU B 112 30.29 15.66 7.11
N LYS B 113 29.11 15.99 7.62
CA LYS B 113 28.66 15.34 8.85
C LYS B 113 28.55 13.84 8.66
N ARG B 114 27.97 13.41 7.53
CA ARG B 114 27.85 11.98 7.25
C ARG B 114 29.20 11.35 6.93
N LEU B 115 30.11 12.11 6.32
CA LEU B 115 31.45 11.61 6.04
C LEU B 115 32.26 11.38 7.31
N SER B 116 31.80 11.87 8.46
CA SER B 116 32.51 11.72 9.72
C SER B 116 31.95 10.61 10.59
N GLN B 117 31.01 9.81 10.07
CA GLN B 117 30.52 8.65 10.81
C GLN B 117 31.69 7.77 11.23
N LYS B 118 31.69 7.33 12.48
CA LYS B 118 32.78 6.51 12.98
C LYS B 118 32.49 5.02 12.84
N LYS B 119 33.58 4.26 12.72
CA LYS B 119 33.55 2.80 12.65
C LYS B 119 32.77 2.31 11.44
N ALA B 120 32.87 3.03 10.33
CA ALA B 120 32.15 2.70 9.10
C ALA B 120 33.12 2.65 7.93
N PHE B 121 32.99 1.62 7.09
CA PHE B 121 33.85 1.52 5.93
C PHE B 121 33.40 2.49 4.86
N GLN B 122 32.11 2.51 4.56
CA GLN B 122 31.54 3.40 3.57
C GLN B 122 30.20 3.90 4.07
N ILE B 123 29.75 5.00 3.49
CA ILE B 123 28.49 5.64 3.85
C ILE B 123 27.68 5.87 2.60
N GLU B 124 26.40 6.16 2.78
CA GLU B 124 25.50 6.63 1.73
C GLU B 124 24.85 7.94 2.20
N PHE B 125 24.02 8.53 1.34
CA PHE B 125 23.54 9.89 1.55
C PHE B 125 22.02 10.00 1.54
N GLY B 126 21.34 8.94 1.97
CA GLY B 126 19.90 8.95 2.10
C GLY B 126 19.18 9.13 0.78
N ARG B 127 18.02 9.79 0.84
CA ARG B 127 17.18 9.90 -0.35
C ARG B 127 17.81 10.80 -1.40
N LYS B 128 18.54 11.84 -1.00
CA LYS B 128 19.16 12.72 -1.96
C LYS B 128 20.26 12.02 -2.76
N GLY B 129 20.86 10.97 -2.21
CA GLY B 129 21.94 10.27 -2.87
C GLY B 129 21.55 9.12 -3.75
N THR B 130 20.26 8.82 -3.89
CA THR B 130 19.80 7.74 -4.75
C THR B 130 18.94 8.33 -5.85
N ASN B 131 18.50 7.45 -6.75
CA ASN B 131 17.70 7.85 -7.91
C ASN B 131 18.45 8.87 -8.75
N LEU B 132 19.77 8.76 -8.81
CA LEU B 132 20.57 9.71 -9.59
C LEU B 132 20.56 9.27 -11.05
N THR B 133 20.56 10.26 -11.95
CA THR B 133 20.52 10.01 -13.38
C THR B 133 21.90 9.68 -13.92
N TYR B 134 21.90 9.12 -15.15
CA TYR B 134 23.16 8.86 -15.83
C TYR B 134 23.97 10.14 -16.05
N GLN B 135 23.32 11.29 -16.19
CA GLN B 135 24.05 12.54 -16.35
C GLN B 135 24.74 12.94 -15.05
N ASP B 136 24.04 12.83 -13.91
CA ASP B 136 24.68 13.01 -12.61
C ASP B 136 25.88 12.08 -12.46
N LYS B 137 25.73 10.83 -12.90
CA LYS B 137 26.86 9.89 -12.86
C LYS B 137 28.05 10.43 -13.63
N LEU B 138 27.81 10.99 -14.81
CA LEU B 138 28.89 11.59 -15.57
C LEU B 138 29.53 12.75 -14.80
N LYS B 139 28.70 13.63 -14.24
CA LYS B 139 29.23 14.83 -13.58
C LYS B 139 29.99 14.49 -12.30
N ILE B 140 29.51 13.52 -11.53
CA ILE B 140 30.28 13.12 -10.35
C ILE B 140 31.61 12.51 -10.76
N GLU B 141 31.60 11.70 -11.81
CA GLU B 141 32.79 10.92 -12.15
C GLU B 141 33.89 11.78 -12.76
N LYS B 142 33.56 12.82 -13.55
CA LYS B 142 34.65 13.66 -14.04
C LYS B 142 35.29 14.46 -12.93
N MET B 143 34.61 14.58 -11.78
CA MET B 143 35.16 15.24 -10.61
C MET B 143 36.32 14.47 -10.00
N ASN B 144 36.41 13.17 -10.30
CA ASN B 144 37.51 12.30 -9.88
C ASN B 144 37.79 12.37 -8.38
N LEU B 145 36.75 12.20 -7.56
CA LEU B 145 36.92 12.27 -6.12
C LEU B 145 37.31 10.90 -5.56
N PRO B 146 38.45 10.77 -4.89
CA PRO B 146 38.81 9.47 -4.31
C PRO B 146 37.77 9.01 -3.31
N GLY B 147 37.45 7.71 -3.37
CA GLY B 147 36.46 7.09 -2.52
C GLY B 147 35.03 7.17 -3.02
N ILE B 148 34.75 7.93 -4.07
CA ILE B 148 33.40 8.16 -4.54
C ILE B 148 33.14 7.26 -5.74
N SER B 149 32.05 6.49 -5.66
CA SER B 149 31.59 5.72 -6.81
C SER B 149 30.08 5.78 -6.85
N LEU B 150 29.52 5.23 -7.92
CA LEU B 150 28.08 5.16 -8.10
C LEU B 150 27.69 3.73 -8.41
N LEU B 151 26.75 3.23 -7.66
CA LEU B 151 26.22 1.89 -7.82
C LEU B 151 24.96 1.94 -8.64
N PRO B 152 24.84 1.13 -9.69
CA PRO B 152 23.57 1.05 -10.44
C PRO B 152 22.44 0.43 -9.63
N GLU B 153 21.25 1.00 -9.76
CA GLU B 153 20.05 0.49 -9.11
C GLU B 153 18.89 0.59 -10.10
N THR B 154 17.95 -0.34 -10.01
CA THR B 154 16.77 -0.31 -10.84
C THR B 154 15.64 0.41 -10.11
N GLU B 155 15.02 1.37 -10.79
CA GLU B 155 13.90 2.11 -10.24
C GLU B 155 12.73 2.03 -11.21
N ARG B 156 11.52 2.17 -10.66
CA ARG B 156 10.33 2.31 -11.48
C ARG B 156 10.17 3.76 -11.88
N PHE B 157 10.06 3.99 -13.18
CA PHE B 157 10.01 5.33 -13.78
C PHE B 157 8.63 5.54 -14.37
N TYR B 158 8.00 6.64 -14.01
CA TYR B 158 6.72 7.07 -14.57
C TYR B 158 7.01 8.34 -15.36
N PRO B 159 7.18 8.26 -16.69
CA PRO B 159 7.67 9.41 -17.46
C PRO B 159 6.81 10.65 -17.34
N ASN B 160 5.51 10.52 -17.12
CA ASN B 160 4.63 11.68 -17.05
C ASN B 160 4.47 12.26 -15.63
N GLY B 161 5.14 11.69 -14.64
CA GLY B 161 5.00 12.14 -13.25
C GLY B 161 3.58 11.96 -12.73
N ASN B 162 2.96 13.07 -12.31
CA ASN B 162 1.62 13.10 -11.74
C ASN B 162 0.63 13.09 -12.90
N PHE B 163 0.12 11.91 -13.24
CA PHE B 163 -0.55 11.65 -14.51
C PHE B 163 -1.32 10.36 -14.36
N ALA B 164 -2.65 10.44 -14.35
CA ALA B 164 -3.51 9.27 -14.12
C ALA B 164 -3.03 8.46 -12.92
N SER B 165 -2.61 9.17 -11.87
CA SER B 165 -1.83 8.55 -10.80
C SER B 165 -2.66 7.49 -10.07
N HIS B 166 -3.89 7.82 -9.69
CA HIS B 166 -4.81 6.88 -8.96
C HIS B 166 -5.26 5.71 -9.86
N LEU B 167 -5.04 5.78 -11.16
CA LEU B 167 -5.34 4.62 -11.99
C LEU B 167 -4.09 3.76 -12.19
N ILE B 168 -2.98 4.39 -12.58
CA ILE B 168 -1.76 3.63 -12.85
C ILE B 168 -1.22 3.03 -11.56
N GLY B 169 -1.26 3.80 -10.47
CA GLY B 169 -0.71 3.35 -9.22
C GLY B 169 0.80 3.55 -9.12
N ARG B 170 1.38 2.80 -8.18
CA ARG B 170 2.78 2.95 -7.88
C ARG B 170 3.32 1.58 -7.45
N ALA B 171 4.52 1.25 -7.93
CA ALA B 171 5.23 0.08 -7.45
C ALA B 171 6.32 0.51 -6.47
N GLN B 172 6.43 -0.19 -5.34
CA GLN B 172 7.42 0.14 -4.32
C GLN B 172 8.55 -0.89 -4.34
N LYS B 173 9.75 -0.45 -3.98
CA LYS B 173 10.95 -1.26 -4.09
C LYS B 173 11.39 -1.78 -2.72
N ASN B 174 11.75 -3.04 -2.67
CA ASN B 174 12.40 -3.66 -1.52
C ASN B 174 13.90 -3.39 -1.63
N PRO B 175 14.47 -2.57 -0.75
CA PRO B 175 15.89 -2.22 -0.89
C PRO B 175 16.82 -3.42 -0.88
N ASP B 176 16.49 -4.47 -0.13
CA ASP B 176 17.36 -5.64 -0.02
C ASP B 176 17.61 -6.29 -1.39
N THR B 177 16.53 -6.55 -2.13
CA THR B 177 16.58 -7.36 -3.33
C THR B 177 16.39 -6.57 -4.61
N GLY B 178 15.88 -5.34 -4.52
CA GLY B 178 15.40 -4.61 -5.67
C GLY B 178 14.02 -5.00 -6.13
N GLU B 179 13.37 -5.97 -5.47
CA GLU B 179 12.07 -6.44 -5.94
C GLU B 179 11.00 -5.37 -5.82
N LEU B 180 10.27 -5.16 -6.92
CA LEU B 180 9.20 -4.18 -7.02
C LEU B 180 7.85 -4.84 -6.77
N LYS B 181 6.98 -4.15 -6.03
CA LYS B 181 5.65 -4.67 -5.77
C LYS B 181 4.65 -3.54 -5.91
N GLY B 182 3.62 -3.76 -6.74
CA GLY B 182 2.60 -2.73 -6.88
C GLY B 182 1.83 -2.55 -5.59
N ALA B 183 1.62 -1.29 -5.22
CA ALA B 183 0.92 -0.96 -3.98
C ALA B 183 -0.45 -0.34 -4.23
N LEU B 184 -0.77 0.06 -5.45
CA LEU B 184 -2.05 0.69 -5.74
C LEU B 184 -2.29 0.62 -7.24
N GLY B 185 -3.57 0.56 -7.60
CA GLY B 185 -3.98 0.69 -8.99
C GLY B 185 -3.47 -0.44 -9.84
N VAL B 186 -3.19 -0.11 -11.12
CA VAL B 186 -2.81 -1.12 -12.10
C VAL B 186 -1.56 -1.86 -11.66
N GLU B 187 -0.60 -1.15 -11.07
CA GLU B 187 0.63 -1.77 -10.60
C GLU B 187 0.33 -2.89 -9.62
N LYS B 188 -0.72 -2.72 -8.81
CA LYS B 188 -1.12 -3.72 -7.81
C LYS B 188 -2.03 -4.78 -8.44
N ILE B 189 -3.06 -4.33 -9.15
CA ILE B 189 -4.02 -5.25 -9.74
C ILE B 189 -3.30 -6.30 -10.60
N PHE B 190 -2.38 -5.85 -11.45
CA PHE B 190 -1.69 -6.74 -12.39
C PHE B 190 -0.27 -7.07 -11.95
N ASP B 191 0.02 -6.97 -10.64
CA ASP B 191 1.38 -7.19 -10.15
C ASP B 191 1.86 -8.60 -10.49
N SER B 192 0.97 -9.59 -10.44
CA SER B 192 1.39 -10.95 -10.82
C SER B 192 1.82 -11.02 -12.27
N TYR B 193 1.22 -10.21 -13.14
CA TYR B 193 1.63 -10.20 -14.54
C TYR B 193 2.85 -9.31 -14.75
N LEU B 194 2.84 -8.11 -14.17
CA LEU B 194 3.93 -7.17 -14.38
C LEU B 194 5.27 -7.71 -13.89
N SER B 195 5.30 -8.45 -12.78
CA SER B 195 6.58 -8.96 -12.29
C SER B 195 6.98 -10.21 -13.07
N GLY B 196 8.27 -10.38 -13.28
CA GLY B 196 8.76 -11.53 -14.03
C GLY B 196 8.93 -12.82 -13.24
N LYS B 222 13.74 -13.70 -16.88
CA LYS B 222 12.73 -13.42 -17.87
C LYS B 222 12.27 -11.96 -17.82
N ARG B 223 11.03 -11.76 -18.23
CA ARG B 223 10.48 -10.42 -18.27
C ARG B 223 8.99 -10.49 -17.97
N GLY B 224 8.51 -9.53 -17.18
CA GLY B 224 7.10 -9.47 -16.89
C GLY B 224 6.28 -9.12 -18.12
N ASP B 225 4.97 -9.26 -17.99
CA ASP B 225 4.10 -8.93 -19.10
C ASP B 225 3.78 -7.44 -19.09
N ASP B 226 3.42 -6.90 -20.25
CA ASP B 226 2.99 -5.51 -20.34
C ASP B 226 1.49 -5.39 -20.14
N VAL B 227 1.08 -4.26 -19.56
CA VAL B 227 -0.33 -3.91 -19.47
C VAL B 227 -0.56 -2.68 -20.34
N HIS B 228 -1.49 -2.76 -21.28
CA HIS B 228 -1.86 -1.65 -22.17
C HIS B 228 -3.21 -1.10 -21.72
N LEU B 229 -3.27 0.19 -21.44
CA LEU B 229 -4.52 0.77 -20.97
C LEU B 229 -5.28 1.39 -22.15
N THR B 230 -6.58 1.66 -21.94
CA THR B 230 -7.38 2.38 -22.93
C THR B 230 -7.16 3.88 -22.89
N ILE B 231 -6.48 4.37 -21.86
CA ILE B 231 -6.20 5.79 -21.67
C ILE B 231 -5.47 6.40 -22.88
N ASP B 232 -5.85 7.63 -23.24
CA ASP B 232 -5.16 8.40 -24.28
C ASP B 232 -4.40 9.54 -23.60
N SER B 233 -3.07 9.49 -23.58
CA SER B 233 -2.30 10.56 -22.92
C SER B 233 -2.67 11.96 -23.41
N ASN B 234 -3.07 12.11 -24.68
CA ASN B 234 -3.42 13.45 -25.16
C ASN B 234 -4.68 13.95 -24.48
N ILE B 235 -5.69 13.09 -24.33
CA ILE B 235 -6.88 13.49 -23.59
C ILE B 235 -6.57 13.60 -22.10
N GLN B 236 -5.71 12.72 -21.60
CA GLN B 236 -5.36 12.74 -20.17
C GLN B 236 -4.73 14.08 -19.80
N VAL B 237 -3.89 14.63 -20.70
CA VAL B 237 -3.31 15.95 -20.48
C VAL B 237 -4.40 16.99 -20.27
N PHE B 238 -5.45 16.96 -21.09
CA PHE B 238 -6.55 17.93 -20.94
C PHE B 238 -7.20 17.79 -19.58
N VAL B 239 -7.37 16.56 -19.10
CA VAL B 239 -8.03 16.36 -17.81
C VAL B 239 -7.15 16.87 -16.67
N GLU B 240 -5.84 16.55 -16.70
CA GLU B 240 -4.95 16.98 -15.63
C GLU B 240 -4.87 18.51 -15.56
N GLU B 241 -4.80 19.19 -16.71
CA GLU B 241 -4.75 20.64 -16.68
C GLU B 241 -6.07 21.21 -16.16
N ALA B 242 -7.20 20.68 -16.62
CA ALA B 242 -8.46 21.20 -16.11
C ALA B 242 -8.59 20.98 -14.60
N LEU B 243 -8.09 19.86 -14.09
CA LEU B 243 -8.28 19.59 -12.67
C LEU B 243 -7.38 20.49 -11.82
N ASP B 244 -6.16 20.76 -12.28
CA ASP B 244 -5.30 21.75 -11.65
C ASP B 244 -5.98 23.10 -11.54
N GLY B 245 -6.66 23.52 -12.61
CA GLY B 245 -7.37 24.80 -12.56
C GLY B 245 -8.49 24.81 -11.52
N MET B 246 -9.22 23.69 -11.38
CA MET B 246 -10.28 23.62 -10.36
C MET B 246 -9.69 23.63 -8.95
N VAL B 247 -8.52 23.01 -8.74
CA VAL B 247 -7.88 23.08 -7.43
C VAL B 247 -7.46 24.51 -7.12
N GLU B 248 -6.80 25.17 -8.07
CA GLU B 248 -6.41 26.56 -7.86
C GLU B 248 -7.62 27.43 -7.53
N ARG B 249 -8.76 27.21 -8.22
CA ARG B 249 -9.93 28.08 -8.12
C ARG B 249 -10.79 27.79 -6.89
N TYR B 250 -10.95 26.51 -6.53
CA TYR B 250 -11.96 26.11 -5.56
C TYR B 250 -11.41 25.33 -4.37
N GLN B 251 -10.17 24.87 -4.42
CA GLN B 251 -9.53 24.06 -3.39
C GLN B 251 -10.49 23.03 -2.80
N PRO B 252 -11.08 22.16 -3.63
CA PRO B 252 -12.08 21.22 -3.11
C PRO B 252 -11.44 20.10 -2.31
N LYS B 253 -12.26 19.52 -1.45
CA LYS B 253 -11.79 18.36 -0.69
C LYS B 253 -11.65 17.14 -1.58
N ASP B 254 -12.48 17.00 -2.61
CA ASP B 254 -12.42 15.91 -3.57
C ASP B 254 -12.84 16.41 -4.95
N LEU B 255 -12.30 15.76 -5.98
CA LEU B 255 -12.50 16.21 -7.34
C LEU B 255 -12.13 15.09 -8.29
N PHE B 256 -12.99 14.82 -9.27
CA PHE B 256 -12.64 13.85 -10.30
C PHE B 256 -13.24 14.27 -11.64
N ALA B 257 -12.64 13.75 -12.70
CA ALA B 257 -13.18 13.85 -14.05
C ALA B 257 -12.84 12.57 -14.79
N VAL B 258 -13.75 12.12 -15.63
CA VAL B 258 -13.50 10.94 -16.43
C VAL B 258 -14.09 11.17 -17.81
N VAL B 259 -13.37 10.72 -18.82
CA VAL B 259 -13.81 10.82 -20.22
C VAL B 259 -13.95 9.39 -20.71
N MET B 260 -15.14 9.04 -21.20
CA MET B 260 -15.43 7.70 -21.70
C MET B 260 -15.89 7.79 -23.16
N ASP B 261 -15.42 6.86 -23.98
CA ASP B 261 -15.90 6.73 -25.37
C ASP B 261 -17.36 6.33 -25.33
N ALA B 262 -18.24 7.16 -25.92
CA ALA B 262 -19.68 6.96 -25.76
C ALA B 262 -20.21 5.70 -26.44
N LYS B 263 -19.47 5.15 -27.39
CA LYS B 263 -19.93 3.99 -28.13
C LYS B 263 -19.22 2.69 -27.77
N THR B 264 -18.14 2.74 -26.98
CA THR B 264 -17.39 1.54 -26.63
C THR B 264 -17.23 1.31 -25.13
N GLY B 265 -17.40 2.34 -24.30
CA GLY B 265 -17.18 2.20 -22.88
C GLY B 265 -15.73 2.34 -22.43
N GLU B 266 -14.79 2.52 -23.36
CA GLU B 266 -13.38 2.70 -23.00
C GLU B 266 -13.16 3.98 -22.22
N ILE B 267 -12.38 3.87 -21.14
CA ILE B 267 -11.97 5.05 -20.40
C ILE B 267 -10.80 5.69 -21.13
N LEU B 268 -11.03 6.86 -21.71
CA LEU B 268 -9.99 7.56 -22.44
C LEU B 268 -9.14 8.42 -21.51
N ALA B 269 -9.68 8.85 -20.38
CA ALA B 269 -8.93 9.67 -19.45
C ALA B 269 -9.61 9.63 -18.10
N TYR B 270 -8.81 9.68 -17.04
CA TYR B 270 -9.34 9.70 -15.68
C TYR B 270 -8.33 10.36 -14.74
N SER B 271 -8.79 11.30 -13.92
CA SER B 271 -7.93 11.84 -12.88
C SER B 271 -8.77 12.25 -11.67
N GLN B 272 -8.06 12.46 -10.55
CA GLN B 272 -8.72 12.94 -9.35
C GLN B 272 -7.76 13.85 -8.60
N ARG B 273 -8.32 14.65 -7.69
CA ARG B 273 -7.57 15.47 -6.78
C ARG B 273 -8.24 15.37 -5.41
N PRO B 274 -7.45 15.34 -4.32
CA PRO B 274 -5.99 15.28 -4.36
C PRO B 274 -5.50 13.90 -4.79
N THR B 275 -4.26 13.82 -5.25
CA THR B 275 -3.67 12.58 -5.69
C THR B 275 -2.19 12.63 -5.35
N PHE B 276 -1.42 11.72 -5.90
CA PHE B 276 0.00 11.61 -5.59
C PHE B 276 0.80 11.59 -6.88
N ASN B 277 2.12 11.67 -6.73
CA ASN B 277 3.03 11.52 -7.86
C ASN B 277 3.71 10.16 -7.78
N PRO B 278 3.42 9.22 -8.70
CA PRO B 278 4.01 7.88 -8.59
C PRO B 278 5.51 7.87 -8.81
N GLU B 279 6.05 8.86 -9.51
CA GLU B 279 7.50 8.95 -9.68
C GLU B 279 8.19 9.25 -8.35
N THR B 280 7.76 10.30 -7.66
CA THR B 280 8.45 10.69 -6.44
C THR B 280 7.91 10.02 -5.20
N GLY B 281 6.67 9.54 -5.23
CA GLY B 281 6.04 9.07 -4.03
C GLY B 281 5.37 10.15 -3.22
N LYS B 282 5.49 11.41 -3.64
CA LYS B 282 4.92 12.52 -2.86
C LYS B 282 3.41 12.35 -2.75
N ASP B 283 2.94 12.33 -1.50
CA ASP B 283 1.54 12.24 -1.08
C ASP B 283 0.93 10.85 -1.28
N PHE B 284 1.74 9.86 -1.70
CA PHE B 284 1.23 8.51 -1.81
C PHE B 284 0.84 8.01 -0.42
N GLY B 285 -0.40 7.52 -0.28
CA GLY B 285 -0.92 7.06 0.98
C GLY B 285 -1.96 7.96 1.63
N LYS B 286 -1.97 9.25 1.29
CA LYS B 286 -2.93 10.14 1.93
C LYS B 286 -4.38 9.83 1.51
N LYS B 287 -4.59 9.22 0.36
CA LYS B 287 -5.94 8.75 0.03
C LYS B 287 -5.83 7.46 -0.76
N TRP B 288 -6.15 6.33 -0.14
CA TRP B 288 -5.98 5.08 -0.87
C TRP B 288 -7.00 4.93 -2.00
N ALA B 289 -8.13 5.63 -1.91
CA ALA B 289 -9.31 5.32 -2.69
C ALA B 289 -9.27 5.97 -4.08
N ASN B 290 -9.43 5.13 -5.09
CA ASN B 290 -9.68 5.59 -6.45
C ASN B 290 -11.13 6.05 -6.55
N ASP B 291 -11.34 7.30 -6.97
CA ASP B 291 -12.69 7.87 -6.95
C ASP B 291 -13.62 7.15 -7.90
N LEU B 292 -13.11 6.73 -9.06
CA LEU B 292 -13.93 6.14 -10.11
C LEU B 292 -14.59 4.84 -9.65
N TYR B 293 -13.84 3.97 -8.95
CA TYR B 293 -14.27 2.63 -8.58
C TYR B 293 -14.49 2.41 -7.09
N GLN B 294 -13.81 3.15 -6.23
CA GLN B 294 -13.84 2.83 -4.80
C GLN B 294 -14.56 3.87 -3.95
N ASN B 295 -14.70 5.09 -4.43
CA ASN B 295 -15.34 6.14 -3.66
C ASN B 295 -16.81 6.20 -4.06
N THR B 296 -17.68 6.47 -3.09
CA THR B 296 -19.11 6.60 -3.37
C THR B 296 -19.58 8.01 -3.09
N TYR B 297 -20.64 8.40 -3.79
CA TYR B 297 -21.18 9.75 -3.73
C TYR B 297 -22.69 9.68 -3.65
N GLU B 298 -23.29 10.62 -2.95
CA GLU B 298 -24.70 10.85 -3.24
C GLU B 298 -24.73 11.73 -4.49
N PRO B 299 -25.20 11.21 -5.63
CA PRO B 299 -24.91 11.88 -6.92
C PRO B 299 -25.66 13.18 -7.12
N GLY B 300 -26.78 13.37 -6.43
CA GLY B 300 -27.60 14.52 -6.76
C GLY B 300 -28.30 14.35 -8.09
N SER B 301 -28.63 15.47 -8.72
CA SER B 301 -29.65 15.48 -9.75
C SER B 301 -29.19 14.90 -11.08
N THR B 302 -27.92 14.54 -11.23
CA THR B 302 -27.56 13.71 -12.39
C THR B 302 -28.31 12.37 -12.35
N PHE B 303 -28.69 11.90 -11.15
CA PHE B 303 -29.41 10.63 -10.97
C PHE B 303 -30.83 10.69 -11.54
N LYS B 304 -31.34 11.90 -11.76
CA LYS B 304 -32.71 12.08 -12.26
C LYS B 304 -32.90 11.53 -13.65
N SER B 305 -31.85 11.43 -14.45
CA SER B 305 -32.03 10.91 -15.80
C SER B 305 -32.54 9.46 -15.77
N TYR B 306 -32.17 8.70 -14.74
CA TYR B 306 -32.60 7.30 -14.65
C TYR B 306 -34.05 7.20 -14.18
N GLY B 307 -34.47 8.05 -13.26
CA GLY B 307 -35.89 8.11 -12.95
C GLY B 307 -36.72 8.59 -14.13
N LEU B 308 -36.18 9.54 -14.90
CA LEU B 308 -36.84 10.01 -16.10
C LEU B 308 -37.03 8.88 -17.11
N ALA B 309 -35.95 8.14 -17.39
CA ALA B 309 -36.01 7.01 -18.32
C ALA B 309 -37.08 6.02 -17.87
N ALA B 310 -37.09 5.69 -16.58
CA ALA B 310 -38.11 4.81 -16.02
C ALA B 310 -39.50 5.36 -16.27
N ALA B 311 -39.74 6.62 -15.91
CA ALA B 311 -41.07 7.20 -16.09
C ALA B 311 -41.46 7.26 -17.56
N ILE B 312 -40.50 7.44 -18.46
CA ILE B 312 -40.82 7.44 -19.89
C ILE B 312 -41.29 6.05 -20.31
N GLN B 313 -40.49 5.03 -19.98
CA GLN B 313 -40.82 3.67 -20.40
C GLN B 313 -42.10 3.18 -19.75
N GLU B 314 -42.41 3.65 -18.55
CA GLU B 314 -43.64 3.28 -17.87
C GLU B 314 -44.83 4.14 -18.29
N GLY B 315 -44.62 5.14 -19.14
CA GLY B 315 -45.73 5.97 -19.54
C GLY B 315 -46.19 7.00 -18.52
N ALA B 316 -45.42 7.22 -17.44
CA ALA B 316 -45.76 8.24 -16.46
C ALA B 316 -45.29 9.64 -16.87
N PHE B 317 -44.22 9.74 -17.64
CA PHE B 317 -43.71 11.03 -18.11
C PHE B 317 -44.27 11.31 -19.50
N ASP B 318 -44.88 12.48 -19.65
CA ASP B 318 -45.33 12.99 -20.94
C ASP B 318 -44.83 14.42 -20.96
N PRO B 319 -44.00 14.80 -21.94
CA PRO B 319 -43.32 16.11 -21.86
C PRO B 319 -44.28 17.28 -21.81
N ASP B 320 -45.47 17.17 -22.41
CA ASP B 320 -46.37 18.31 -22.48
C ASP B 320 -47.41 18.32 -21.36
N LYS B 321 -47.57 17.20 -20.66
CA LYS B 321 -48.53 17.12 -19.56
C LYS B 321 -48.14 18.03 -18.40
N LYS B 322 -49.15 18.68 -17.80
CA LYS B 322 -48.92 19.55 -16.65
C LYS B 322 -48.72 18.73 -15.37
N TYR B 323 -47.97 19.29 -14.43
CA TYR B 323 -47.88 18.78 -13.08
C TYR B 323 -47.76 19.96 -12.13
N LYS B 324 -48.09 19.71 -10.86
CA LYS B 324 -48.03 20.72 -9.82
C LYS B 324 -46.63 20.74 -9.20
N SER B 325 -45.91 21.83 -9.41
CA SER B 325 -44.62 22.04 -8.79
C SER B 325 -44.80 22.80 -7.47
N GLY B 326 -43.69 23.07 -6.79
CA GLY B 326 -43.74 23.74 -5.50
C GLY B 326 -42.97 23.00 -4.41
N HIS B 327 -43.63 22.06 -3.73
CA HIS B 327 -43.01 21.31 -2.65
C HIS B 327 -43.88 20.09 -2.34
N ARG B 328 -43.31 19.17 -1.58
CA ARG B 328 -44.02 18.00 -1.08
C ARG B 328 -43.63 17.78 0.37
N ASP B 329 -44.58 17.23 1.13
CA ASP B 329 -44.39 16.95 2.55
C ASP B 329 -44.25 15.45 2.74
N ILE B 330 -43.08 15.01 3.19
CA ILE B 330 -42.76 13.59 3.32
C ILE B 330 -42.26 13.36 4.73
N MET B 331 -43.05 12.64 5.53
CA MET B 331 -42.66 12.27 6.90
C MET B 331 -42.09 13.46 7.67
N GLY B 332 -42.80 14.58 7.64
CA GLY B 332 -42.38 15.73 8.40
C GLY B 332 -41.23 16.52 7.82
N SER B 333 -40.81 16.22 6.59
CA SER B 333 -39.87 17.05 5.86
C SER B 333 -40.56 17.72 4.68
N ARG B 334 -40.27 19.00 4.48
CA ARG B 334 -40.71 19.73 3.31
C ARG B 334 -39.62 19.64 2.24
N ILE B 335 -39.92 18.97 1.14
CA ILE B 335 -39.02 18.91 -0.01
C ILE B 335 -39.53 19.86 -1.07
N SER B 336 -38.72 20.84 -1.43
CA SER B 336 -39.17 21.87 -2.34
C SER B 336 -38.36 21.82 -3.63
N ASP B 337 -38.95 22.38 -4.69
CA ASP B 337 -38.17 22.74 -5.85
C ASP B 337 -37.14 23.79 -5.43
N TRP B 338 -36.07 23.93 -6.23
CA TRP B 338 -34.91 24.68 -5.77
C TRP B 338 -35.21 26.16 -5.51
N ASN B 339 -36.24 26.73 -6.12
CA ASN B 339 -36.59 28.13 -5.86
C ASN B 339 -37.62 28.29 -4.75
N ARG B 340 -37.90 27.22 -3.98
CA ARG B 340 -38.79 27.22 -2.82
C ARG B 340 -40.25 27.24 -3.22
N VAL B 341 -40.64 28.11 -4.16
CA VAL B 341 -42.04 28.31 -4.51
C VAL B 341 -42.49 27.50 -5.73
N GLY B 342 -41.57 26.96 -6.51
CA GLY B 342 -41.97 26.29 -7.72
C GLY B 342 -42.36 27.28 -8.82
N TRP B 343 -43.12 26.77 -9.78
CA TRP B 343 -43.49 27.57 -10.94
C TRP B 343 -44.96 27.38 -11.29
N GLY B 344 -45.76 26.84 -10.35
CA GLY B 344 -47.15 26.54 -10.64
C GLY B 344 -47.29 25.25 -11.45
N GLU B 345 -48.38 25.20 -12.21
CA GLU B 345 -48.63 24.11 -13.15
C GLU B 345 -47.80 24.36 -14.40
N ILE B 346 -46.80 23.51 -14.63
CA ILE B 346 -45.89 23.65 -15.77
C ILE B 346 -45.78 22.30 -16.47
N PRO B 347 -45.32 22.29 -17.71
CA PRO B 347 -45.10 21.01 -18.39
C PRO B 347 -43.99 20.19 -17.74
N MET B 348 -44.15 18.87 -17.80
CA MET B 348 -43.15 17.96 -17.23
C MET B 348 -41.79 18.15 -17.89
N SER B 349 -41.78 18.45 -19.18
N SER B 349 -41.76 18.47 -19.18
CA SER B 349 -40.51 18.71 -19.86
CA SER B 349 -40.49 18.70 -19.85
C SER B 349 -39.80 19.90 -19.23
C SER B 349 -39.79 19.93 -19.27
N LEU B 350 -40.55 20.98 -18.97
CA LEU B 350 -39.96 22.16 -18.33
C LEU B 350 -39.49 21.86 -16.92
N GLY B 351 -40.28 21.10 -16.16
CA GLY B 351 -39.84 20.69 -14.83
C GLY B 351 -38.51 19.96 -14.86
N PHE B 352 -38.30 19.10 -15.86
CA PHE B 352 -37.02 18.41 -15.96
C PHE B 352 -35.91 19.38 -16.37
N THR B 353 -36.22 20.36 -17.21
CA THR B 353 -35.22 21.35 -17.59
C THR B 353 -34.81 22.22 -16.41
N TYR B 354 -35.78 22.63 -15.59
CA TYR B 354 -35.51 23.38 -14.37
C TYR B 354 -34.88 22.53 -13.28
N SER B 355 -34.75 21.21 -13.49
CA SER B 355 -34.33 20.26 -12.47
C SER B 355 -35.25 20.32 -11.25
N SER B 356 -36.55 20.14 -11.51
CA SER B 356 -37.55 20.18 -10.45
C SER B 356 -37.50 18.92 -9.58
N ASN B 357 -37.33 19.08 -8.28
CA ASN B 357 -37.40 17.91 -7.40
C ASN B 357 -38.82 17.35 -7.30
N THR B 358 -39.84 18.23 -7.32
CA THR B 358 -41.22 17.77 -7.19
C THR B 358 -41.66 16.94 -8.40
N LEU B 359 -41.15 17.27 -9.60
CA LEU B 359 -41.37 16.41 -10.75
C LEU B 359 -40.90 14.99 -10.46
N MET B 360 -39.68 14.84 -9.94
CA MET B 360 -39.16 13.50 -9.74
C MET B 360 -39.94 12.76 -8.66
N MET B 361 -40.35 13.46 -7.61
CA MET B 361 -41.15 12.79 -6.58
C MET B 361 -42.53 12.43 -7.11
N HIS B 362 -43.11 13.29 -7.94
CA HIS B 362 -44.39 13.00 -8.57
C HIS B 362 -44.30 11.78 -9.47
N LEU B 363 -43.28 11.73 -10.34
CA LEU B 363 -43.12 10.58 -11.22
C LEU B 363 -42.93 9.28 -10.43
N GLN B 364 -42.26 9.34 -9.29
CA GLN B 364 -42.06 8.14 -8.48
C GLN B 364 -43.40 7.62 -7.97
N ASP B 365 -44.26 8.51 -7.48
CA ASP B 365 -45.62 8.13 -7.11
C ASP B 365 -46.34 7.44 -8.27
N LEU B 366 -46.23 8.02 -9.47
CA LEU B 366 -46.96 7.51 -10.63
C LEU B 366 -46.47 6.11 -11.01
N VAL B 367 -45.16 5.89 -11.01
CA VAL B 367 -44.61 4.58 -11.33
C VAL B 367 -44.86 3.60 -10.18
N GLY B 368 -44.66 4.05 -8.96
CA GLY B 368 -44.76 3.20 -7.79
C GLY B 368 -43.37 2.90 -7.25
N ALA B 369 -43.25 2.96 -5.92
CA ALA B 369 -41.93 2.89 -5.28
C ALA B 369 -41.27 1.52 -5.43
N ASP B 370 -42.05 0.43 -5.30
CA ASP B 370 -41.46 -0.89 -5.49
C ASP B 370 -40.88 -0.99 -6.90
N LYS B 371 -41.66 -0.57 -7.88
CA LYS B 371 -41.22 -0.64 -9.27
C LYS B 371 -40.01 0.27 -9.51
N MET B 372 -39.99 1.46 -8.88
CA MET B 372 -38.84 2.33 -9.12
C MET B 372 -37.57 1.73 -8.53
N LYS B 373 -37.69 1.01 -7.43
CA LYS B 373 -36.51 0.36 -6.88
C LYS B 373 -35.95 -0.65 -7.86
N SER B 374 -36.81 -1.45 -8.49
CA SER B 374 -36.38 -2.38 -9.52
C SER B 374 -35.74 -1.64 -10.70
N TRP B 375 -36.27 -0.47 -11.03
CA TRP B 375 -35.70 0.30 -12.14
C TRP B 375 -34.24 0.66 -11.89
N TYR B 376 -33.95 1.16 -10.68
CA TYR B 376 -32.57 1.54 -10.37
C TYR B 376 -31.65 0.32 -10.36
N GLU B 377 -32.16 -0.84 -9.93
CA GLU B 377 -31.34 -2.03 -9.97
C GLU B 377 -31.08 -2.45 -11.41
N ARG B 378 -32.08 -2.26 -12.27
CA ARG B 378 -31.94 -2.55 -13.69
C ARG B 378 -30.92 -1.62 -14.37
N PHE B 379 -30.73 -0.41 -13.83
CA PHE B 379 -29.66 0.46 -14.31
C PHE B 379 -28.30 0.18 -13.67
N GLY B 380 -28.16 -0.91 -12.90
CA GLY B 380 -26.88 -1.29 -12.33
C GLY B 380 -26.55 -0.66 -10.98
N PHE B 381 -27.45 0.08 -10.38
CA PHE B 381 -27.12 0.74 -9.14
C PHE B 381 -27.23 -0.25 -7.99
N GLY B 382 -26.45 0.02 -6.94
CA GLY B 382 -26.38 -0.89 -5.80
C GLY B 382 -25.50 -2.10 -6.00
N LYS B 383 -24.98 -2.33 -7.20
CA LYS B 383 -24.10 -3.47 -7.43
C LYS B 383 -22.83 -3.01 -8.13
N SER B 384 -21.72 -3.68 -7.83
CA SER B 384 -20.47 -3.49 -8.54
C SER B 384 -20.64 -3.70 -10.05
N THR B 385 -19.93 -2.92 -10.85
CA THR B 385 -19.90 -3.13 -12.30
C THR B 385 -19.01 -4.31 -12.68
N LYS B 386 -18.30 -4.92 -11.73
CA LYS B 386 -17.42 -6.06 -11.99
C LYS B 386 -16.28 -5.67 -12.90
N GLY B 387 -15.77 -4.45 -12.73
CA GLY B 387 -14.61 -4.03 -13.48
C GLY B 387 -13.35 -4.71 -12.96
N MET B 388 -12.24 -4.38 -13.61
CA MET B 388 -10.95 -4.98 -13.25
C MET B 388 -10.27 -4.29 -12.09
N PHE B 389 -10.89 -3.28 -11.49
CA PHE B 389 -10.27 -2.59 -10.37
C PHE B 389 -10.57 -3.31 -9.05
N ASP B 390 -9.57 -3.39 -8.19
CA ASP B 390 -9.73 -4.07 -6.90
C ASP B 390 -10.66 -3.30 -5.97
N GLY B 391 -11.41 -4.05 -5.16
CA GLY B 391 -12.24 -3.43 -4.14
C GLY B 391 -13.26 -2.44 -4.66
N GLU B 392 -13.89 -2.73 -5.81
CA GLU B 392 -14.91 -1.83 -6.32
C GLU B 392 -16.09 -1.73 -5.36
N ALA B 393 -16.52 -0.51 -5.07
CA ALA B 393 -17.62 -0.32 -4.14
C ALA B 393 -18.95 -0.60 -4.85
N PRO B 394 -19.92 -1.19 -4.16
CA PRO B 394 -21.24 -1.43 -4.78
C PRO B 394 -22.21 -0.24 -4.69
N GLY B 395 -21.99 0.66 -3.75
CA GLY B 395 -22.98 1.68 -3.45
C GLY B 395 -24.23 1.05 -2.82
N GLN B 396 -25.26 1.88 -2.68
CA GLN B 396 -26.51 1.39 -2.09
C GLN B 396 -27.67 2.28 -2.49
N ILE B 397 -28.78 1.65 -2.87
CA ILE B 397 -30.01 2.38 -3.12
C ILE B 397 -30.69 2.59 -1.77
N GLY B 398 -30.83 3.84 -1.36
CA GLY B 398 -31.48 4.17 -0.11
C GLY B 398 -32.99 4.15 -0.26
N TRP B 399 -33.63 3.13 0.31
CA TRP B 399 -35.04 2.84 0.05
C TRP B 399 -35.79 2.39 1.31
N SER B 400 -35.26 2.66 2.49
CA SER B 400 -35.76 2.05 3.72
C SER B 400 -37.02 2.71 4.28
N ASN B 401 -37.43 3.84 3.74
CA ASN B 401 -38.65 4.53 4.16
C ASN B 401 -38.99 5.52 3.07
N GLU B 402 -40.20 6.09 3.16
CA GLU B 402 -40.64 6.97 2.08
C GLU B 402 -39.75 8.20 1.96
N LEU B 403 -39.16 8.68 3.06
CA LEU B 403 -38.29 9.85 2.94
C LEU B 403 -37.05 9.51 2.12
N GLN B 404 -36.42 8.37 2.40
CA GLN B 404 -35.27 7.94 1.61
C GLN B 404 -35.66 7.68 0.16
N GLN B 405 -36.78 7.02 -0.06
CA GLN B 405 -37.21 6.74 -1.43
C GLN B 405 -37.39 8.04 -2.21
N LYS B 406 -38.08 9.01 -1.62
CA LYS B 406 -38.34 10.27 -2.33
C LYS B 406 -37.07 11.07 -2.55
N THR B 407 -36.18 11.12 -1.56
CA THR B 407 -34.93 11.87 -1.77
C THR B 407 -34.01 11.17 -2.76
N SER B 408 -34.11 9.85 -2.87
CA SER B 408 -33.36 9.11 -3.89
C SER B 408 -33.78 9.48 -5.30
N SER B 409 -35.05 9.89 -5.50
CA SER B 409 -35.51 10.30 -6.83
C SER B 409 -34.67 11.43 -7.40
N PHE B 410 -34.11 12.29 -6.56
CA PHE B 410 -33.21 13.33 -7.04
C PHE B 410 -31.77 13.16 -6.54
N GLY B 411 -31.38 11.92 -6.25
CA GLY B 411 -29.98 11.60 -6.06
C GLY B 411 -29.41 11.79 -4.66
N GLN B 412 -30.24 11.99 -3.65
CA GLN B 412 -29.78 12.00 -2.25
C GLN B 412 -30.17 10.67 -1.59
N SER B 413 -29.43 10.26 -0.55
CA SER B 413 -29.58 9.00 0.19
C SER B 413 -28.95 7.81 -0.51
N THR B 414 -29.34 7.56 -1.76
CA THR B 414 -28.64 6.58 -2.58
C THR B 414 -27.20 7.04 -2.82
N THR B 415 -26.27 6.10 -2.77
CA THR B 415 -24.87 6.36 -3.07
C THR B 415 -24.45 5.56 -4.30
N VAL B 416 -23.58 6.15 -5.12
CA VAL B 416 -23.15 5.53 -6.37
C VAL B 416 -21.64 5.70 -6.51
N THR B 417 -21.05 4.89 -7.35
CA THR B 417 -19.72 5.20 -7.80
C THR B 417 -19.81 5.90 -9.14
N PRO B 418 -18.79 6.69 -9.49
CA PRO B 418 -18.81 7.33 -10.81
C PRO B 418 -18.88 6.31 -11.94
N VAL B 419 -18.29 5.12 -11.77
CA VAL B 419 -18.30 4.17 -12.85
C VAL B 419 -19.71 3.60 -13.09
N GLN B 420 -20.51 3.46 -12.03
CA GLN B 420 -21.91 3.10 -12.20
C GLN B 420 -22.66 4.19 -12.96
N MET B 421 -22.34 5.45 -12.69
CA MET B 421 -23.03 6.54 -13.40
C MET B 421 -22.71 6.52 -14.89
N LEU B 422 -21.45 6.28 -15.25
CA LEU B 422 -21.09 6.20 -16.68
C LEU B 422 -21.80 5.04 -17.35
N GLN B 423 -21.77 3.88 -16.69
CA GLN B 423 -22.43 2.69 -17.21
C GLN B 423 -23.90 2.95 -17.47
N ALA B 424 -24.60 3.51 -16.47
CA ALA B 424 -26.02 3.81 -16.62
C ALA B 424 -26.26 4.84 -17.73
N GLN B 425 -25.41 5.88 -17.79
CA GLN B 425 -25.59 6.95 -18.78
C GLN B 425 -25.38 6.46 -20.22
N SER B 426 -24.49 5.48 -20.43
CA SER B 426 -24.22 4.97 -21.77
C SER B 426 -25.47 4.39 -22.44
N ALA B 427 -26.45 3.94 -21.66
CA ALA B 427 -27.68 3.40 -22.24
C ALA B 427 -28.33 4.40 -23.20
N PHE B 428 -28.27 5.68 -22.90
CA PHE B 428 -29.03 6.64 -23.70
C PHE B 428 -28.44 6.83 -25.09
N PHE B 429 -27.25 6.30 -25.36
CA PHE B 429 -26.56 6.52 -26.63
C PHE B 429 -26.23 5.21 -27.32
N ASN B 430 -26.67 4.09 -26.77
CA ASN B 430 -26.45 2.81 -27.39
C ASN B 430 -27.76 2.04 -27.47
N ASP B 431 -28.83 2.75 -27.81
CA ASP B 431 -30.15 2.16 -28.07
C ASP B 431 -30.71 1.41 -26.86
N GLY B 432 -30.40 1.89 -25.65
CA GLY B 432 -30.85 1.27 -24.42
C GLY B 432 -29.87 0.31 -23.79
N ASN B 433 -28.78 -0.05 -24.49
CA ASN B 433 -27.76 -0.95 -23.95
C ASN B 433 -26.77 -0.18 -23.09
N MET B 434 -26.61 -0.57 -21.82
CA MET B 434 -25.51 -0.07 -20.99
C MET B 434 -24.21 -0.73 -21.40
N LEU B 435 -23.13 0.07 -21.50
CA LEU B 435 -21.82 -0.46 -21.83
C LEU B 435 -21.02 -0.59 -20.55
N LYS B 436 -20.41 -1.76 -20.37
CA LYS B 436 -19.56 -1.95 -19.19
C LYS B 436 -18.29 -1.15 -19.39
N PRO B 437 -18.03 -0.13 -18.57
CA PRO B 437 -16.81 0.67 -18.74
C PRO B 437 -15.58 -0.19 -18.57
N TRP B 438 -14.53 0.11 -19.33
CA TRP B 438 -13.30 -0.65 -19.21
C TRP B 438 -12.10 0.20 -19.52
N PHE B 439 -10.96 -0.15 -18.89
CA PHE B 439 -9.73 0.61 -19.04
C PHE B 439 -8.49 -0.23 -19.35
N VAL B 440 -8.59 -1.55 -19.36
CA VAL B 440 -7.46 -2.39 -19.69
C VAL B 440 -7.65 -2.89 -21.12
N ASN B 441 -6.76 -2.46 -22.01
CA ASN B 441 -6.82 -2.92 -23.39
C ASN B 441 -6.24 -4.31 -23.55
N SER B 442 -5.09 -4.55 -22.92
CA SER B 442 -4.37 -5.79 -23.15
C SER B 442 -3.44 -6.10 -21.98
N VAL B 443 -3.24 -7.40 -21.73
CA VAL B 443 -2.13 -7.88 -20.92
C VAL B 443 -1.39 -8.91 -21.77
N GLU B 444 -0.10 -8.68 -22.01
CA GLU B 444 0.59 -9.53 -22.98
C GLU B 444 2.08 -9.49 -22.75
N ASN B 445 2.76 -10.59 -23.09
CA ASN B 445 4.19 -10.66 -22.90
C ASN B 445 4.90 -10.23 -24.18
N PRO B 446 5.77 -9.22 -24.13
CA PRO B 446 6.43 -8.75 -25.35
C PRO B 446 7.47 -9.71 -25.90
N VAL B 447 7.90 -10.70 -25.13
CA VAL B 447 8.92 -11.65 -25.59
C VAL B 447 8.26 -12.86 -26.23
N SER B 448 7.41 -13.54 -25.46
CA SER B 448 6.70 -14.72 -25.98
C SER B 448 5.57 -14.35 -26.93
N LYS B 449 5.04 -13.13 -26.82
CA LYS B 449 3.87 -12.62 -27.55
C LYS B 449 2.56 -13.23 -27.08
N ARG B 450 2.56 -13.94 -25.95
CA ARG B 450 1.33 -14.48 -25.39
C ARG B 450 0.40 -13.35 -24.95
N GLN B 451 -0.86 -13.42 -25.36
CA GLN B 451 -1.88 -12.48 -24.94
C GLN B 451 -2.68 -13.10 -23.81
N PHE B 452 -2.51 -12.58 -22.60
CA PHE B 452 -3.24 -13.10 -21.45
C PHE B 452 -4.63 -12.53 -21.35
N TYR B 453 -4.86 -11.34 -21.89
CA TYR B 453 -6.18 -10.74 -21.71
C TYR B 453 -6.36 -9.70 -22.79
N LYS B 454 -7.58 -9.59 -23.30
CA LYS B 454 -7.92 -8.56 -24.27
C LYS B 454 -9.25 -7.94 -23.88
N GLY B 455 -9.26 -6.64 -23.63
CA GLY B 455 -10.50 -5.96 -23.29
C GLY B 455 -11.40 -5.77 -24.50
N GLN B 456 -12.68 -5.59 -24.23
CA GLN B 456 -13.67 -5.44 -25.28
C GLN B 456 -14.92 -4.77 -24.75
N LYS B 457 -15.65 -4.16 -25.67
CA LYS B 457 -16.99 -3.65 -25.43
C LYS B 457 -17.90 -4.78 -24.99
N GLN B 458 -18.64 -4.55 -23.93
CA GLN B 458 -19.52 -5.59 -23.39
C GLN B 458 -20.79 -4.92 -22.89
N ILE B 459 -21.94 -5.47 -23.27
CA ILE B 459 -23.20 -4.89 -22.81
C ILE B 459 -23.45 -5.33 -21.37
N ALA B 460 -23.70 -4.35 -20.49
CA ALA B 460 -23.97 -4.66 -19.09
C ALA B 460 -25.44 -5.01 -18.86
N GLY B 461 -26.29 -4.76 -19.84
CA GLY B 461 -27.72 -4.94 -19.69
C GLY B 461 -28.42 -3.93 -20.55
N LYS B 462 -29.69 -4.21 -20.86
CA LYS B 462 -30.48 -3.30 -21.67
C LYS B 462 -31.71 -2.91 -20.85
N PRO B 463 -31.60 -1.87 -20.01
CA PRO B 463 -32.74 -1.51 -19.16
C PRO B 463 -33.89 -0.84 -19.90
N ILE B 464 -33.62 -0.13 -21.00
CA ILE B 464 -34.64 0.66 -21.67
C ILE B 464 -34.66 0.34 -23.16
N THR B 465 -35.77 0.68 -23.80
CA THR B 465 -35.85 0.54 -25.25
C THR B 465 -35.14 1.70 -25.95
N LYS B 466 -34.88 1.51 -27.26
CA LYS B 466 -34.29 2.57 -28.06
C LYS B 466 -35.20 3.81 -28.08
N ASP B 467 -36.52 3.59 -28.11
CA ASP B 467 -37.47 4.69 -28.06
C ASP B 467 -37.32 5.50 -26.77
N THR B 468 -37.25 4.82 -25.61
CA THR B 468 -37.03 5.51 -24.34
C THR B 468 -35.70 6.28 -24.33
N ALA B 469 -34.62 5.64 -24.80
CA ALA B 469 -33.33 6.30 -24.86
C ALA B 469 -33.40 7.60 -25.66
N GLU B 470 -34.08 7.58 -26.81
CA GLU B 470 -34.18 8.79 -27.62
C GLU B 470 -34.93 9.88 -26.87
N LYS B 471 -36.01 9.52 -26.18
CA LYS B 471 -36.79 10.54 -25.47
C LYS B 471 -36.01 11.14 -24.31
N VAL B 472 -35.19 10.33 -23.62
CA VAL B 472 -34.30 10.85 -22.57
C VAL B 472 -33.31 11.84 -23.17
N GLU B 473 -32.66 11.46 -24.28
CA GLU B 473 -31.69 12.33 -24.93
C GLU B 473 -32.30 13.67 -25.30
N LYS B 474 -33.57 13.68 -25.71
CA LYS B 474 -34.25 14.93 -26.03
C LYS B 474 -34.34 15.84 -24.80
N GLN B 475 -34.60 15.25 -23.62
CA GLN B 475 -34.65 16.07 -22.41
C GLN B 475 -33.26 16.53 -22.00
N LEU B 476 -32.23 15.68 -22.18
CA LEU B 476 -30.86 16.10 -21.89
C LEU B 476 -30.43 17.26 -22.79
N ASP B 477 -30.87 17.25 -24.04
CA ASP B 477 -30.62 18.37 -24.94
C ASP B 477 -31.22 19.66 -24.37
N LEU B 478 -32.47 19.60 -23.95
CA LEU B 478 -33.17 20.78 -23.44
C LEU B 478 -32.51 21.33 -22.17
N VAL B 479 -32.03 20.44 -21.29
CA VAL B 479 -31.41 20.92 -20.05
C VAL B 479 -30.36 21.98 -20.36
N VAL B 480 -29.56 21.72 -21.38
CA VAL B 480 -28.47 22.63 -21.72
C VAL B 480 -28.90 23.73 -22.68
N ASN B 481 -29.79 23.42 -23.63
CA ASN B 481 -30.03 24.32 -24.76
C ASN B 481 -31.43 24.93 -24.82
N SER B 482 -32.34 24.54 -23.93
CA SER B 482 -33.66 25.16 -23.90
C SER B 482 -33.53 26.66 -23.68
N LYS B 483 -34.45 27.43 -24.28
CA LYS B 483 -34.43 28.87 -24.10
C LYS B 483 -34.65 29.26 -22.65
N LYS B 484 -35.09 28.31 -21.82
CA LYS B 484 -35.26 28.51 -20.39
C LYS B 484 -34.22 27.74 -19.57
N SER B 485 -33.09 27.37 -20.19
CA SER B 485 -32.09 26.58 -19.51
C SER B 485 -31.47 27.35 -18.35
N HIS B 486 -31.16 26.61 -17.27
CA HIS B 486 -30.34 27.09 -16.16
C HIS B 486 -28.97 26.43 -16.16
N ALA B 487 -28.50 25.96 -17.31
CA ALA B 487 -27.22 25.29 -17.45
C ALA B 487 -26.43 25.85 -18.64
N ALA B 488 -26.76 27.06 -19.08
CA ALA B 488 -26.09 27.62 -20.23
C ALA B 488 -24.58 27.76 -20.02
N ASN B 489 -24.10 27.77 -18.77
CA ASN B 489 -22.67 27.81 -18.54
C ASN B 489 -21.95 26.53 -18.97
N TYR B 490 -22.67 25.46 -19.32
CA TYR B 490 -22.00 24.29 -19.86
C TYR B 490 -21.90 24.30 -21.38
N ARG B 491 -22.44 25.32 -22.04
CA ARG B 491 -22.34 25.39 -23.50
C ARG B 491 -20.90 25.63 -23.92
N ILE B 492 -20.55 25.10 -25.09
CA ILE B 492 -19.24 25.29 -25.70
C ILE B 492 -19.46 25.91 -27.07
N ASP B 493 -18.87 27.08 -27.30
CA ASP B 493 -19.00 27.71 -28.62
C ASP B 493 -18.49 26.76 -29.70
N GLY B 494 -19.33 26.50 -30.71
CA GLY B 494 -18.95 25.66 -31.82
C GLY B 494 -19.37 24.21 -31.71
N TYR B 495 -19.84 23.78 -30.55
CA TYR B 495 -20.16 22.38 -30.33
C TYR B 495 -21.51 22.30 -29.66
N GLU B 496 -22.25 21.25 -29.97
CA GLU B 496 -23.56 21.05 -29.37
C GLU B 496 -23.40 20.08 -28.20
N VAL B 497 -23.87 20.50 -27.03
CA VAL B 497 -23.63 19.76 -25.79
C VAL B 497 -24.97 19.43 -25.17
N GLU B 498 -25.00 18.34 -24.41
CA GLU B 498 -26.17 18.01 -23.64
C GLU B 498 -25.68 17.32 -22.38
N GLY B 499 -26.54 17.26 -21.38
CA GLY B 499 -26.21 16.60 -20.14
C GLY B 499 -27.10 17.08 -19.02
N LYS B 500 -26.69 16.74 -17.80
CA LYS B 500 -27.52 16.98 -16.62
C LYS B 500 -26.62 17.47 -15.49
N THR B 501 -27.07 18.51 -14.80
CA THR B 501 -26.34 19.07 -13.68
C THR B 501 -26.77 18.41 -12.38
N GLY B 502 -25.87 18.48 -11.40
CA GLY B 502 -26.17 18.03 -10.06
C GLY B 502 -25.55 18.91 -9.00
N THR B 503 -26.31 19.11 -7.91
CA THR B 503 -25.82 19.74 -6.69
C THR B 503 -26.39 18.94 -5.51
N ALA B 504 -25.51 18.38 -4.69
CA ALA B 504 -25.97 17.53 -3.59
C ALA B 504 -25.28 17.88 -2.28
N GLN B 505 -25.98 17.61 -1.19
CA GLN B 505 -25.35 17.64 0.12
C GLN B 505 -24.43 16.44 0.31
N VAL B 506 -23.48 16.59 1.21
CA VAL B 506 -22.41 15.62 1.43
C VAL B 506 -22.52 15.11 2.87
N ALA B 507 -22.61 13.79 3.03
CA ALA B 507 -22.71 13.19 4.36
C ALA B 507 -21.44 13.40 5.16
N ALA B 508 -21.59 13.89 6.38
CA ALA B 508 -20.45 14.02 7.29
C ALA B 508 -19.89 12.64 7.63
N PRO B 509 -18.57 12.48 7.63
CA PRO B 509 -17.99 11.18 8.05
C PRO B 509 -18.36 10.78 9.47
N ASN B 510 -18.35 11.72 10.41
CA ASN B 510 -18.54 11.44 11.84
C ASN B 510 -19.71 12.26 12.35
N GLY B 511 -20.52 11.66 13.22
CA GLY B 511 -21.78 12.31 13.53
C GLY B 511 -22.68 12.18 12.33
N GLY B 512 -23.97 12.44 12.50
CA GLY B 512 -24.92 12.23 11.43
C GLY B 512 -25.05 13.48 10.59
N GLY B 513 -26.06 13.47 9.75
CA GLY B 513 -26.34 14.59 8.87
C GLY B 513 -25.28 14.92 7.84
N TYR B 514 -25.45 16.11 7.28
CA TYR B 514 -24.66 16.62 6.18
C TYR B 514 -23.58 17.59 6.66
N VAL B 515 -22.50 17.68 5.89
CA VAL B 515 -21.51 18.72 6.14
C VAL B 515 -22.20 20.07 6.19
N LYS B 516 -21.86 20.88 7.19
CA LYS B 516 -22.44 22.19 7.36
C LYS B 516 -21.54 23.25 6.71
N GLY B 517 -22.14 24.39 6.40
CA GLY B 517 -21.41 25.47 5.79
C GLY B 517 -22.28 26.21 4.80
N PRO B 518 -21.76 27.31 4.25
CA PRO B 518 -22.62 28.14 3.38
C PRO B 518 -23.02 27.44 2.10
N ASN B 519 -22.12 26.70 1.43
CA ASN B 519 -22.44 25.97 0.20
C ASN B 519 -21.78 24.61 0.20
N PRO B 520 -22.20 23.71 1.09
CA PRO B 520 -21.45 22.45 1.30
C PRO B 520 -21.92 21.32 0.38
N TYR B 521 -21.53 21.41 -0.89
CA TYR B 521 -22.12 20.65 -1.97
C TYR B 521 -21.08 19.84 -2.73
N PHE B 522 -21.53 18.66 -3.18
CA PHE B 522 -20.95 17.93 -4.30
C PHE B 522 -21.66 18.41 -5.58
N VAL B 523 -20.94 19.10 -6.45
CA VAL B 523 -21.53 19.62 -7.70
C VAL B 523 -20.94 18.84 -8.86
N SER B 524 -21.76 18.56 -9.86
CA SER B 524 -21.27 17.68 -10.92
C SER B 524 -22.04 17.91 -12.20
N PHE B 525 -21.51 17.31 -13.26
CA PHE B 525 -22.18 17.40 -14.56
C PHE B 525 -21.89 16.13 -15.33
N MET B 526 -22.93 15.47 -15.78
CA MET B 526 -22.81 14.31 -16.65
C MET B 526 -23.12 14.80 -18.07
N GLY B 527 -22.07 15.02 -18.87
CA GLY B 527 -22.21 15.61 -20.20
C GLY B 527 -21.80 14.72 -21.36
N ASP B 528 -22.28 15.01 -22.56
CA ASP B 528 -21.88 14.23 -23.73
C ASP B 528 -22.01 15.13 -24.96
N ALA B 529 -21.22 14.83 -25.99
CA ALA B 529 -21.19 15.65 -27.19
C ALA B 529 -20.49 14.89 -28.31
N PRO B 530 -20.79 15.18 -29.60
CA PRO B 530 -21.87 16.08 -30.07
C PRO B 530 -23.21 15.57 -29.56
N LYS B 531 -24.20 16.43 -29.34
CA LYS B 531 -25.43 15.94 -28.77
C LYS B 531 -26.11 14.95 -29.72
N LYS B 532 -26.93 14.08 -29.12
CA LYS B 532 -27.66 13.02 -29.79
C LYS B 532 -26.73 11.88 -30.22
N ASN B 533 -25.61 12.19 -30.90
CA ASN B 533 -24.66 11.18 -31.38
C ASN B 533 -23.27 11.47 -30.83
N PRO B 534 -23.08 11.27 -29.53
CA PRO B 534 -21.84 11.74 -28.90
C PRO B 534 -20.64 10.88 -29.28
N LYS B 535 -19.48 11.52 -29.25
CA LYS B 535 -18.21 10.81 -29.31
C LYS B 535 -17.75 10.37 -27.93
N VAL B 536 -17.93 11.23 -26.93
CA VAL B 536 -17.45 10.96 -25.57
C VAL B 536 -18.52 11.35 -24.57
N ILE B 537 -18.45 10.72 -23.40
CA ILE B 537 -19.17 11.14 -22.21
C ILE B 537 -18.11 11.68 -21.26
N VAL B 538 -18.37 12.86 -20.71
CA VAL B 538 -17.46 13.45 -19.74
C VAL B 538 -18.25 13.63 -18.47
N TYR B 539 -17.82 12.98 -17.39
CA TYR B 539 -18.45 13.11 -16.08
C TYR B 539 -17.42 13.75 -15.15
N ALA B 540 -17.78 14.87 -14.54
CA ALA B 540 -16.87 15.56 -13.63
C ALA B 540 -17.64 15.92 -12.36
N GLY B 541 -16.97 15.78 -11.21
CA GLY B 541 -17.58 15.99 -9.91
C GLY B 541 -16.63 16.71 -8.98
N MET B 542 -17.15 17.62 -8.16
CA MET B 542 -16.35 18.37 -7.20
C MET B 542 -17.05 18.39 -5.86
N SER B 543 -16.39 17.89 -4.83
CA SER B 543 -17.02 17.84 -3.51
C SER B 543 -16.38 18.88 -2.60
N LEU B 544 -17.21 19.76 -2.04
CA LEU B 544 -16.84 20.63 -0.90
C LEU B 544 -15.70 21.59 -1.24
N ALA B 545 -15.99 22.50 -2.18
CA ALA B 545 -15.12 23.65 -2.42
C ALA B 545 -14.80 24.38 -1.12
N GLN B 546 -13.51 24.54 -0.83
CA GLN B 546 -13.08 25.31 0.33
C GLN B 546 -12.78 26.77 -0.01
N LYS B 547 -12.82 27.11 -1.30
CA LYS B 547 -12.58 28.46 -1.78
C LYS B 547 -13.58 28.72 -2.90
N ASN B 548 -14.14 29.93 -2.94
CA ASN B 548 -15.13 30.26 -3.96
C ASN B 548 -16.31 29.28 -3.94
N ASP B 549 -16.76 28.90 -2.74
CA ASP B 549 -17.87 27.93 -2.64
C ASP B 549 -19.14 28.48 -3.29
N GLN B 550 -19.33 29.80 -3.28
CA GLN B 550 -20.48 30.39 -3.94
C GLN B 550 -20.39 30.22 -5.45
N GLU B 551 -19.20 30.40 -6.01
CA GLU B 551 -19.08 30.22 -7.45
C GLU B 551 -19.17 28.74 -7.83
N ALA B 552 -18.61 27.85 -6.99
CA ALA B 552 -18.77 26.42 -7.20
C ALA B 552 -20.25 26.05 -7.27
N TYR B 553 -21.07 26.66 -6.41
CA TYR B 553 -22.50 26.40 -6.49
C TYR B 553 -23.11 26.96 -7.79
N GLU B 554 -22.76 28.18 -8.17
CA GLU B 554 -23.33 28.79 -9.37
C GLU B 554 -22.87 28.08 -10.64
N LEU B 555 -21.56 27.83 -10.77
CA LEU B 555 -20.99 27.32 -12.01
C LEU B 555 -20.73 25.83 -11.99
N GLY B 556 -20.90 25.18 -10.85
CA GLY B 556 -20.66 23.75 -10.81
C GLY B 556 -19.26 23.40 -11.26
N VAL B 557 -19.17 22.40 -12.13
CA VAL B 557 -17.88 21.97 -12.65
C VAL B 557 -17.75 22.49 -14.09
N SER B 558 -18.43 23.59 -14.43
CA SER B 558 -18.37 24.01 -15.84
C SER B 558 -16.97 24.46 -16.23
N LYS B 559 -16.18 24.92 -15.26
CA LYS B 559 -14.83 25.35 -15.60
C LYS B 559 -13.89 24.18 -15.84
N ALA B 560 -14.31 22.97 -15.53
CA ALA B 560 -13.57 21.78 -15.96
C ALA B 560 -14.21 21.11 -17.17
N PHE B 561 -15.54 21.03 -17.20
CA PHE B 561 -16.20 20.37 -18.33
C PHE B 561 -15.83 21.03 -19.66
N LYS B 562 -15.88 22.37 -19.74
CA LYS B 562 -15.68 23.05 -21.02
C LYS B 562 -14.29 22.84 -21.60
N PRO B 563 -13.19 23.07 -20.87
CA PRO B 563 -11.88 22.76 -21.46
C PRO B 563 -11.69 21.28 -21.80
N ILE B 564 -12.11 20.37 -20.93
CA ILE B 564 -11.97 18.95 -21.22
C ILE B 564 -12.72 18.58 -22.48
N MET B 565 -14.01 18.96 -22.55
CA MET B 565 -14.83 18.51 -23.68
C MET B 565 -14.37 19.16 -24.97
N GLU B 566 -14.11 20.46 -24.95
CA GLU B 566 -13.71 21.16 -26.16
C GLU B 566 -12.41 20.60 -26.72
N ASN B 567 -11.40 20.41 -25.86
CA ASN B 567 -10.10 19.92 -26.30
C ASN B 567 -10.18 18.50 -26.79
N THR B 568 -11.01 17.68 -26.13
CA THR B 568 -11.18 16.30 -26.53
C THR B 568 -11.84 16.22 -27.90
N LEU B 569 -12.90 17.01 -28.10
CA LEU B 569 -13.62 17.00 -29.37
C LEU B 569 -12.72 17.45 -30.52
N LYS B 570 -11.98 18.54 -30.33
CA LYS B 570 -10.99 18.96 -31.32
C LYS B 570 -9.96 17.86 -31.58
N TYR B 571 -9.40 17.28 -30.51
CA TYR B 571 -8.42 16.21 -30.68
C TYR B 571 -8.99 15.01 -31.42
N LEU B 572 -10.30 14.72 -31.25
CA LEU B 572 -10.97 13.62 -31.92
C LEU B 572 -11.54 14.01 -33.28
N ASN B 573 -11.19 15.20 -33.78
CA ASN B 573 -11.53 15.64 -35.14
C ASN B 573 -13.01 15.85 -35.36
N VAL B 574 -13.73 16.26 -34.31
CA VAL B 574 -15.10 16.74 -34.44
C VAL B 574 -15.08 18.20 -34.90
N GLY B 575 -15.71 18.48 -36.05
CA GLY B 575 -15.65 19.82 -36.64
C GLY B 575 -16.56 20.82 -35.92
N LYS B 576 -16.01 21.99 -35.60
CA LYS B 576 -16.75 23.03 -34.90
C LYS B 576 -17.57 23.88 -35.86
N SER B 577 -18.71 24.39 -35.35
CA SER B 577 -19.64 25.17 -36.17
C SER B 577 -19.45 26.68 -36.00
C 1S6 C . 28.51 -21.12 6.97
N 1S6 C . 30.32 -19.76 6.01
CA 1S6 C . 30.01 -21.07 6.58
CB 1S6 C . 30.89 -21.40 7.81
CAA 1S6 C . 28.82 -18.88 2.68
CAB 1S6 C . 32.48 -18.11 9.34
CAC 1S6 C . 32.66 -20.29 10.52
OAE 1S6 C . 29.67 -20.33 11.57
OAF 1S6 C . 31.83 -20.53 4.52
OAH 1S6 C . 29.54 -18.23 11.08
CAI 1S6 C . 35.10 -16.31 6.67
CAJ 1S6 C . 34.94 -17.57 6.12
CAK 1S6 C . 34.15 -15.35 6.42
CAL 1S6 C . 33.84 -17.87 5.33
CAM 1S6 C . 33.05 -15.63 5.63
NAN 1S6 C . 31.27 -16.29 3.43
NAP 1S6 C . 30.22 -21.06 9.07
OAQ 1S6 C . 30.14 -16.86 2.78
SAR 1S6 C . 32.41 -20.39 7.80
CAT 1S6 C . 29.85 -19.38 10.84
CAU 1S6 C . 31.06 -19.64 4.90
CAV 1S6 C . 29.96 -18.12 3.23
CAW 1S6 C . 32.89 -16.89 5.06
CAX 1S6 C . 31.70 -17.21 4.24
CAY 1S6 C . 30.92 -18.40 4.15
CBB 1S6 C . 30.43 -19.65 9.44
CBC 1S6 C . 31.97 -19.55 9.39
OXT 1S6 C . 27.94 -20.10 7.19
C 1S6 D . -30.37 17.98 -8.02
N 1S6 D . -30.51 19.51 -6.10
CA 1S6 D . -31.23 19.01 -7.26
CB 1S6 D . -31.61 20.15 -8.21
CAA 1S6 D . -30.16 17.05 -3.36
CAB 1S6 D . -29.40 23.42 -7.65
CAC 1S6 D . -30.90 23.18 -9.62
OAE 1S6 D . -29.18 21.18 -11.22
OAF 1S6 D . -32.36 19.84 -4.83
OAH 1S6 D . -27.53 21.89 -10.00
CAI 1S6 D . -29.92 24.90 -3.79
CAJ 1S6 D . -31.03 24.10 -3.99
CAK 1S6 D . -28.75 24.35 -3.35
CAL 1S6 D . -30.94 22.74 -3.76
CAM 1S6 D . -28.66 22.98 -3.11
NAN 1S6 D . -28.97 20.25 -2.07
NAP 1S6 D . -30.60 20.29 -9.26
OAQ 1S6 D . -29.11 18.83 -2.11
SAR 1S6 D . -31.60 21.78 -7.36
CAT 1S6 D . -28.65 21.44 -10.15
CAU 1S6 D . -31.14 19.68 -4.93
CAV 1S6 D . -29.90 18.50 -3.14
CAW 1S6 D . -29.76 22.16 -3.30
CAX 1S6 D . -29.68 20.71 -3.08
CAY 1S6 D . -30.30 19.63 -3.77
CBB 1S6 D . -29.50 21.19 -8.90
CBC 1S6 D . -30.26 22.45 -8.45
OXT 1S6 D . -29.19 18.04 -7.95
#